data_3ITG
#
_entry.id   3ITG
#
_cell.length_a   127.480
_cell.length_b   133.360
_cell.length_c   133.640
_cell.angle_alpha   90.00
_cell.angle_beta   90.00
_cell.angle_gamma   90.00
#
_symmetry.space_group_name_H-M   'I 21 21 21'
#
loop_
_entity.id
_entity.type
_entity.pdbx_description
1 polymer 'Bifunctional protein putA'
2 non-polymer 'DIHYDROFLAVINE-ADENINE DINUCLEOTIDE'
3 water water
#
_entity_poly.entity_id   1
_entity_poly.type   'polypeptide(L)'
_entity_poly.pdbx_seq_one_letter_code
;LPQSVSRAAITAAYRRPETEAVSMLLEQARLPQPVAEQAHKLAYQLADKLRNQKNASGRAGMVQGLLQEFSLSSQEGVAL
MCLAEALLRIPDKATRDALIRDKISNGNWQSHIGRSPSLFVNAATWGLLFTGKLVSTHNEASLSRSLNRIIGKSGEPLIR
KGVDMAMRLMGEQFVTGETIAEALANARKLEEKGFRYSYDMLGEAALTAADAQAYMVSYQQAIHAIGKASNGRGIYEGPG
ISI(LYX)LSALHPRYSRAQYDRVMEELYPRLKSLTLLARQYDIGINIDAEESDRLEISLDLLEKLCFEPELAGWNGIGF
VIQAYQKRCPLVIDYLIDLATRSRRRLMIRLVKGAYWDSEIKRAQMDGLEGYPVYTRKVYTDVSYLACAKKLLAVPNLIY
PQFATHNAHTLAAIYQLAGQNYYPGQYEFQCLHGMGEPLYEQVTGKVADGKLNRPCRIYAPVGTHETLLAYLVRRLLENG
ANTSFVNRIADTSLPLDELVADPVTAVEKLAQQEGQTGLPHPKIPLPRDLYGHGRDNSAGLDLANEHRLASLSSALLNSA
LQKWQALPMLEQPVAAGEMSPVINPAEPSSSVDKLAAALEHHHHHH
;
_entity_poly.pdbx_strand_id   A,B
#
loop_
_chem_comp.id
_chem_comp.type
_chem_comp.name
_chem_comp.formula
FDA non-polymer 'DIHYDROFLAVINE-ADENINE DINUCLEOTIDE' 'C27 H35 N9 O15 P2'
#
# COMPACT_ATOMS: atom_id res chain seq x y z
N PRO A 2 -11.99 17.23 23.21
CA PRO A 2 -10.74 17.99 23.01
C PRO A 2 -10.22 17.82 21.60
N GLN A 3 -9.65 18.89 21.07
CA GLN A 3 -9.27 18.91 19.65
C GLN A 3 -7.76 18.97 19.44
N SER A 4 -7.32 18.32 18.36
CA SER A 4 -5.97 18.51 17.87
C SER A 4 -5.89 19.85 17.14
N VAL A 5 -4.67 20.35 16.94
CA VAL A 5 -4.45 21.58 16.20
C VAL A 5 -5.08 21.53 14.80
N SER A 6 -4.89 20.42 14.08
CA SER A 6 -5.46 20.26 12.74
C SER A 6 -6.98 20.33 12.81
N ARG A 7 -7.55 19.69 13.82
CA ARG A 7 -8.99 19.69 14.00
C ARG A 7 -9.49 21.12 14.17
N ALA A 8 -8.81 21.89 15.00
CA ALA A 8 -9.22 23.27 15.26
C ALA A 8 -9.06 24.15 14.02
N ALA A 9 -8.23 23.72 13.07
CA ALA A 9 -7.95 24.53 11.89
C ALA A 9 -9.10 24.58 10.86
N ILE A 10 -10.09 23.70 11.00
CA ILE A 10 -11.11 23.53 9.97
C ILE A 10 -12.13 24.68 9.85
N THR A 11 -12.52 25.24 11.00
CA THR A 11 -13.56 26.27 11.07
C THR A 11 -13.36 27.45 10.11
N ALA A 12 -12.17 28.04 10.15
CA ALA A 12 -11.87 29.22 9.35
C ALA A 12 -12.35 29.14 7.91
N ALA A 13 -12.16 27.97 7.28
CA ALA A 13 -12.46 27.82 5.86
C ALA A 13 -13.96 27.66 5.57
N TYR A 14 -14.76 27.59 6.63
CA TYR A 14 -16.18 27.24 6.50
C TYR A 14 -16.83 27.81 5.24
N ARG A 15 -16.95 29.13 5.14
CA ARG A 15 -17.55 29.73 3.95
C ARG A 15 -16.71 30.84 3.34
N ARG A 16 -15.40 30.62 3.24
CA ARG A 16 -14.49 31.65 2.77
C ARG A 16 -14.79 32.07 1.32
N PRO A 17 -14.47 33.32 0.97
CA PRO A 17 -14.71 33.86 -0.36
C PRO A 17 -14.31 32.90 -1.46
N GLU A 18 -15.18 32.77 -2.45
CA GLU A 18 -14.97 31.85 -3.56
C GLU A 18 -13.68 32.20 -4.29
N THR A 19 -13.41 33.48 -4.49
CA THR A 19 -12.19 33.89 -5.21
C THR A 19 -10.94 33.44 -4.47
N GLU A 20 -11.00 33.45 -3.13
CA GLU A 20 -9.87 33.02 -2.30
C GLU A 20 -9.69 31.50 -2.32
N ALA A 21 -10.80 30.79 -2.13
CA ALA A 21 -10.79 29.35 -2.09
C ALA A 21 -10.30 28.77 -3.41
N VAL A 22 -10.83 29.27 -4.52
CA VAL A 22 -10.40 28.81 -5.84
C VAL A 22 -8.92 29.13 -6.10
N SER A 23 -8.51 30.35 -5.75
CA SER A 23 -7.12 30.77 -5.91
C SER A 23 -6.12 29.85 -5.19
N MET A 24 -6.45 29.46 -3.96
CA MET A 24 -5.58 28.58 -3.19
C MET A 24 -5.41 27.24 -3.89
N LEU A 25 -6.51 26.73 -4.45
CA LEU A 25 -6.57 25.35 -4.90
C LEU A 25 -6.15 25.13 -6.34
N LEU A 26 -6.30 26.15 -7.17
CA LEU A 26 -6.19 26.00 -8.62
C LEU A 26 -4.99 25.19 -9.06
N GLU A 27 -3.79 25.61 -8.66
CA GLU A 27 -2.58 24.95 -9.12
C GLU A 27 -2.37 23.58 -8.46
N GLN A 28 -3.00 23.38 -7.31
CA GLN A 28 -2.98 22.06 -6.68
C GLN A 28 -3.74 21.02 -7.51
N ALA A 29 -4.65 21.46 -8.37
CA ALA A 29 -5.41 20.57 -9.23
C ALA A 29 -4.72 20.32 -10.58
N ARG A 30 -3.53 20.87 -10.73
CA ARG A 30 -2.78 20.80 -11.99
C ARG A 30 -2.39 19.38 -12.39
N LEU A 31 -2.69 19.02 -13.64
CA LEU A 31 -2.15 17.78 -14.19
C LEU A 31 -0.82 18.08 -14.89
N PRO A 32 0.26 17.40 -14.47
CA PRO A 32 1.51 17.51 -15.21
C PRO A 32 1.24 17.25 -16.69
N GLN A 33 1.99 17.91 -17.58
CA GLN A 33 1.78 17.78 -19.03
C GLN A 33 1.71 16.34 -19.56
N PRO A 34 2.65 15.48 -19.14
CA PRO A 34 2.55 14.08 -19.55
C PRO A 34 1.21 13.49 -19.10
N VAL A 35 0.87 13.72 -17.84
CA VAL A 35 -0.37 13.22 -17.25
C VAL A 35 -1.62 13.75 -17.94
N ALA A 36 -1.65 15.05 -18.20
CA ALA A 36 -2.82 15.71 -18.79
C ALA A 36 -3.19 15.17 -20.16
N GLU A 37 -2.17 14.93 -20.99
CA GLU A 37 -2.42 14.42 -22.34
C GLU A 37 -2.94 12.99 -22.26
N GLN A 38 -2.37 12.22 -21.33
CA GLN A 38 -2.79 10.85 -21.13
C GLN A 38 -4.22 10.77 -20.63
N ALA A 39 -4.54 11.61 -19.65
CA ALA A 39 -5.86 11.60 -19.06
C ALA A 39 -6.90 12.01 -20.09
N HIS A 40 -6.55 12.98 -20.94
CA HIS A 40 -7.48 13.43 -21.96
C HIS A 40 -7.82 12.31 -22.94
N LYS A 41 -6.79 11.59 -23.39
CA LYS A 41 -7.00 10.51 -24.35
C LYS A 41 -7.89 9.42 -23.77
N LEU A 42 -7.57 8.99 -22.55
CA LEU A 42 -8.38 8.00 -21.86
C LEU A 42 -9.80 8.51 -21.62
N ALA A 43 -9.93 9.71 -21.07
CA ALA A 43 -11.25 10.28 -20.81
C ALA A 43 -12.11 10.22 -22.08
N TYR A 44 -11.49 10.64 -23.18
CA TYR A 44 -12.14 10.68 -24.48
C TYR A 44 -12.66 9.30 -24.88
N GLN A 45 -11.81 8.28 -24.82
CA GLN A 45 -12.21 6.95 -25.25
C GLN A 45 -13.25 6.30 -24.32
N LEU A 46 -13.24 6.65 -23.04
CA LEU A 46 -14.25 6.16 -22.11
C LEU A 46 -15.62 6.78 -22.41
N ALA A 47 -15.64 8.09 -22.64
CA ALA A 47 -16.88 8.80 -22.88
C ALA A 47 -17.43 8.44 -24.26
N ASP A 48 -16.52 8.31 -25.22
CA ASP A 48 -16.89 7.95 -26.58
C ASP A 48 -17.48 6.53 -26.63
N LYS A 49 -16.87 5.62 -25.88
CA LYS A 49 -17.36 4.24 -25.81
C LYS A 49 -18.72 4.24 -25.12
N LEU A 50 -18.92 5.20 -24.22
CA LEU A 50 -20.16 5.33 -23.48
C LEU A 50 -21.29 5.81 -24.41
N ARG A 51 -20.91 6.54 -25.46
CA ARG A 51 -21.89 7.02 -26.43
C ARG A 51 -22.01 6.05 -27.61
N ASN A 52 -21.88 4.76 -27.33
CA ASN A 52 -21.98 3.74 -28.38
C ASN A 52 -22.59 2.44 -27.88
N GLN A 173 -33.67 -0.84 -12.05
CA GLN A 173 -32.27 -1.01 -12.41
C GLN A 173 -31.35 -0.35 -11.38
N PHE A 174 -31.95 0.28 -10.39
CA PHE A 174 -31.19 1.02 -9.38
C PHE A 174 -31.27 0.37 -7.98
N VAL A 175 -32.04 -0.69 -7.86
CA VAL A 175 -32.14 -1.42 -6.59
C VAL A 175 -31.59 -2.84 -6.72
N THR A 176 -30.60 -3.15 -5.88
CA THR A 176 -29.83 -4.39 -6.00
C THR A 176 -30.59 -5.62 -5.49
N GLY A 177 -31.49 -5.40 -4.55
CA GLY A 177 -32.26 -6.47 -3.94
C GLY A 177 -33.19 -5.91 -2.88
N GLU A 178 -34.28 -6.63 -2.60
CA GLU A 178 -35.25 -6.14 -1.63
C GLU A 178 -34.79 -6.49 -0.23
N THR A 179 -33.97 -7.52 -0.14
CA THR A 179 -33.37 -7.93 1.13
C THR A 179 -31.88 -8.09 0.91
N ILE A 180 -31.12 -8.11 2.00
CA ILE A 180 -29.68 -8.23 1.90
C ILE A 180 -29.28 -9.61 1.33
N ALA A 181 -30.02 -10.66 1.68
CA ALA A 181 -29.73 -11.99 1.11
C ALA A 181 -29.84 -11.97 -0.41
N GLU A 182 -30.88 -11.30 -0.91
CA GLU A 182 -31.11 -11.19 -2.34
C GLU A 182 -30.05 -10.30 -3.02
N ALA A 183 -29.63 -9.25 -2.32
CA ALA A 183 -28.55 -8.41 -2.83
C ALA A 183 -27.26 -9.23 -2.91
N LEU A 184 -26.98 -10.01 -1.87
CA LEU A 184 -25.78 -10.84 -1.88
C LEU A 184 -25.83 -11.88 -3.00
N ALA A 185 -26.99 -12.53 -3.18
CA ALA A 185 -27.14 -13.50 -4.26
C ALA A 185 -26.83 -12.89 -5.63
N ASN A 186 -27.26 -11.65 -5.84
CA ASN A 186 -27.12 -10.98 -7.12
C ASN A 186 -25.74 -10.35 -7.35
N ALA A 187 -24.85 -10.45 -6.36
CA ALA A 187 -23.57 -9.76 -6.43
C ALA A 187 -22.46 -10.51 -7.18
N ARG A 188 -22.60 -11.83 -7.26
CA ARG A 188 -21.56 -12.66 -7.89
C ARG A 188 -21.28 -12.24 -9.32
N LYS A 189 -22.35 -12.02 -10.08
CA LYS A 189 -22.26 -11.62 -11.48
C LYS A 189 -21.19 -10.54 -11.71
N LEU A 190 -21.25 -9.45 -10.95
CA LEU A 190 -20.26 -8.39 -11.17
C LEU A 190 -18.99 -8.57 -10.34
N GLU A 191 -19.10 -9.26 -9.21
CA GLU A 191 -17.91 -9.49 -8.40
C GLU A 191 -16.92 -10.37 -9.16
N GLU A 192 -17.44 -11.34 -9.90
CA GLU A 192 -16.60 -12.21 -10.74
C GLU A 192 -15.78 -11.38 -11.73
N LYS A 193 -16.32 -10.23 -12.13
CA LYS A 193 -15.67 -9.36 -13.11
C LYS A 193 -14.73 -8.35 -12.45
N GLY A 194 -14.52 -8.49 -11.15
CA GLY A 194 -13.61 -7.61 -10.43
C GLY A 194 -14.27 -6.50 -9.61
N PHE A 195 -15.57 -6.30 -9.77
CA PHE A 195 -16.26 -5.28 -8.96
C PHE A 195 -16.32 -5.69 -7.49
N ARG A 196 -16.46 -4.69 -6.62
CA ARG A 196 -16.74 -4.92 -5.21
C ARG A 196 -18.04 -4.22 -4.89
N TYR A 197 -18.54 -4.43 -3.67
CA TYR A 197 -19.81 -3.85 -3.25
C TYR A 197 -19.74 -3.19 -1.88
N SER A 198 -20.56 -2.17 -1.72
CA SER A 198 -20.86 -1.56 -0.43
C SER A 198 -22.38 -1.47 -0.31
N TYR A 199 -22.96 -2.14 0.67
CA TYR A 199 -24.42 -2.20 0.78
C TYR A 199 -24.95 -1.18 1.78
N ASP A 200 -26.06 -0.54 1.43
CA ASP A 200 -26.75 0.34 2.36
C ASP A 200 -28.23 0.02 2.43
N MET A 201 -28.73 -0.16 3.66
CA MET A 201 -30.15 -0.38 3.89
C MET A 201 -30.84 0.98 3.87
N LEU A 202 -31.36 1.35 2.71
CA LEU A 202 -31.92 2.69 2.50
C LEU A 202 -33.35 2.86 3.03
N GLY A 203 -33.73 4.13 3.22
CA GLY A 203 -35.06 4.47 3.68
C GLY A 203 -35.08 5.93 4.12
N GLU A 204 -36.19 6.37 4.71
CA GLU A 204 -36.31 7.74 5.18
C GLU A 204 -35.48 8.00 6.44
N ALA A 205 -35.08 9.25 6.64
CA ALA A 205 -34.39 9.68 7.86
C ALA A 205 -35.19 9.27 9.09
N ALA A 206 -34.50 8.88 10.16
CA ALA A 206 -35.20 8.52 11.39
C ALA A 206 -35.87 9.75 12.00
N LEU A 207 -37.14 9.61 12.33
CA LEU A 207 -37.90 10.67 12.99
C LEU A 207 -38.05 10.45 14.49
N THR A 208 -38.11 9.18 14.91
CA THR A 208 -38.22 8.83 16.32
C THR A 208 -37.10 7.89 16.73
N ALA A 209 -36.96 7.66 18.03
CA ALA A 209 -35.93 6.73 18.52
C ALA A 209 -36.21 5.32 18.00
N ALA A 210 -37.49 4.99 17.86
CA ALA A 210 -37.90 3.68 17.35
C ALA A 210 -37.49 3.46 15.88
N ASP A 211 -37.62 4.51 15.06
CA ASP A 211 -37.14 4.47 13.68
C ASP A 211 -35.64 4.17 13.68
N ALA A 212 -34.90 4.97 14.44
CA ALA A 212 -33.46 4.78 14.60
C ALA A 212 -33.11 3.35 15.00
N GLN A 213 -33.84 2.82 15.97
CA GLN A 213 -33.60 1.46 16.44
C GLN A 213 -33.92 0.41 15.36
N ALA A 214 -35.00 0.64 14.62
CA ALA A 214 -35.36 -0.25 13.50
C ALA A 214 -34.22 -0.29 12.48
N TYR A 215 -33.65 0.87 12.19
CA TYR A 215 -32.51 0.97 11.29
C TYR A 215 -31.30 0.25 11.84
N MET A 216 -31.10 0.41 13.14
CA MET A 216 -30.02 -0.24 13.86
C MET A 216 -30.10 -1.75 13.67
N VAL A 217 -31.29 -2.29 13.91
CA VAL A 217 -31.55 -3.71 13.80
C VAL A 217 -31.31 -4.16 12.37
N SER A 218 -31.77 -3.34 11.43
CA SER A 218 -31.60 -3.67 10.03
C SER A 218 -30.11 -3.65 9.62
N TYR A 219 -29.33 -2.68 10.14
CA TYR A 219 -27.89 -2.65 9.86
C TYR A 219 -27.15 -3.87 10.46
N GLN A 220 -27.50 -4.23 11.69
CA GLN A 220 -26.86 -5.36 12.37
C GLN A 220 -27.07 -6.65 11.59
N GLN A 221 -28.30 -6.87 11.17
CA GLN A 221 -28.65 -8.05 10.39
C GLN A 221 -27.89 -8.05 9.05
N ALA A 222 -27.82 -6.89 8.41
CA ALA A 222 -27.07 -6.74 7.17
C ALA A 222 -25.60 -7.07 7.34
N ILE A 223 -25.01 -6.65 8.45
CA ILE A 223 -23.58 -6.92 8.70
C ILE A 223 -23.28 -8.41 8.90
N HIS A 224 -24.16 -9.12 9.63
CA HIS A 224 -24.02 -10.56 9.79
C HIS A 224 -24.06 -11.26 8.43
N ALA A 225 -25.02 -10.88 7.59
CA ALA A 225 -25.15 -11.46 6.27
C ALA A 225 -23.96 -11.14 5.36
N ILE A 226 -23.53 -9.88 5.37
CA ILE A 226 -22.43 -9.43 4.53
C ILE A 226 -21.15 -10.08 5.01
N GLY A 227 -20.97 -10.12 6.33
CA GLY A 227 -19.79 -10.70 6.94
C GLY A 227 -19.64 -12.17 6.57
N LYS A 228 -20.75 -12.91 6.65
CA LYS A 228 -20.76 -14.33 6.31
C LYS A 228 -20.43 -14.53 4.83
N ALA A 229 -21.07 -13.73 3.97
CA ALA A 229 -20.79 -13.81 2.54
C ALA A 229 -19.36 -13.38 2.23
N SER A 230 -18.84 -12.43 3.00
CA SER A 230 -17.47 -11.97 2.80
C SER A 230 -16.50 -13.12 2.99
N ASN A 231 -16.72 -13.89 4.05
CA ASN A 231 -15.99 -15.14 4.27
C ASN A 231 -14.48 -14.92 4.35
N GLY A 232 -14.07 -13.89 5.08
CA GLY A 232 -12.65 -13.59 5.28
C GLY A 232 -11.95 -12.87 4.13
N ARG A 233 -12.69 -12.40 3.15
CA ARG A 233 -12.08 -11.63 2.06
C ARG A 233 -11.45 -10.31 2.53
N GLY A 234 -11.92 -9.79 3.66
CA GLY A 234 -11.32 -8.61 4.24
C GLY A 234 -11.85 -7.29 3.72
N ILE A 235 -11.26 -6.20 4.19
CA ILE A 235 -11.83 -4.88 3.96
C ILE A 235 -11.59 -4.35 2.55
N TYR A 236 -10.58 -4.87 1.86
CA TYR A 236 -10.31 -4.39 0.50
C TYR A 236 -11.08 -5.20 -0.54
N GLU A 237 -10.84 -6.51 -0.58
CA GLU A 237 -11.43 -7.36 -1.60
C GLU A 237 -12.88 -7.75 -1.33
N GLY A 238 -13.30 -7.78 -0.07
CA GLY A 238 -14.63 -8.22 0.29
C GLY A 238 -15.67 -7.11 0.31
N PRO A 239 -16.96 -7.46 0.39
CA PRO A 239 -17.97 -6.39 0.44
C PRO A 239 -17.92 -5.64 1.77
N GLY A 240 -18.52 -4.45 1.81
CA GLY A 240 -18.65 -3.73 3.05
C GLY A 240 -20.05 -3.18 3.27
N ILE A 241 -20.23 -2.49 4.40
CA ILE A 241 -21.49 -1.83 4.69
C ILE A 241 -21.33 -0.32 4.66
N SER A 242 -22.39 0.35 4.24
CA SER A 242 -22.43 1.81 4.27
C SER A 242 -23.59 2.26 5.15
N ILE A 243 -23.33 3.17 6.08
CA ILE A 243 -24.40 3.64 6.96
C ILE A 243 -24.67 5.14 6.83
C21 LYX A 244 -24.56 8.51 0.37
C22 LYX A 244 -23.83 8.25 -0.72
C23 LYX A 244 -25.75 7.73 0.78
NZ LYX A 244 -26.40 8.02 1.84
CE LYX A 244 -27.57 7.24 2.23
CD LYX A 244 -27.96 7.55 3.69
CG LYX A 244 -26.99 6.99 4.75
CB LYX A 244 -27.43 7.23 6.20
CA LYX A 244 -26.28 6.97 7.18
N LYX A 244 -25.90 5.53 7.16
C LYX A 244 -26.58 7.35 8.62
O LYX A 244 -27.37 6.71 9.31
N LEU A 245 -25.89 8.38 9.09
CA LEU A 245 -26.06 8.83 10.47
C LEU A 245 -27.49 9.32 10.73
N SER A 246 -28.12 9.91 9.71
CA SER A 246 -29.50 10.37 9.83
C SER A 246 -30.50 9.20 9.98
N ALA A 247 -30.05 7.99 9.70
CA ALA A 247 -30.88 6.80 9.93
C ALA A 247 -30.78 6.32 11.38
N LEU A 248 -29.71 6.74 12.05
CA LEU A 248 -29.37 6.20 13.37
C LEU A 248 -29.73 7.11 14.54
N HIS A 249 -30.27 8.30 14.26
CA HIS A 249 -30.69 9.23 15.31
C HIS A 249 -31.89 10.06 14.85
N PRO A 250 -32.91 10.18 15.72
CA PRO A 250 -34.17 10.87 15.41
C PRO A 250 -33.95 12.34 15.05
N ARG A 251 -34.43 12.76 13.88
CA ARG A 251 -34.26 14.14 13.43
C ARG A 251 -32.81 14.63 13.54
N TYR A 252 -31.90 13.79 13.09
CA TYR A 252 -30.47 14.07 13.16
C TYR A 252 -30.11 15.42 12.54
N SER A 253 -30.79 15.79 11.45
CA SER A 253 -30.45 17.01 10.72
C SER A 253 -30.47 18.25 11.58
N ARG A 254 -31.27 18.22 12.66
CA ARG A 254 -31.39 19.36 13.54
C ARG A 254 -31.09 19.01 15.00
N ALA A 255 -30.50 17.84 15.22
CA ALA A 255 -30.26 17.36 16.58
C ALA A 255 -29.07 18.06 17.26
N GLN A 256 -29.10 18.07 18.59
CA GLN A 256 -28.09 18.71 19.43
C GLN A 256 -26.90 17.78 19.70
N TYR A 257 -25.71 18.37 19.74
CA TYR A 257 -24.45 17.66 19.97
C TYR A 257 -24.48 16.66 21.12
N ASP A 258 -24.96 17.10 22.28
CA ASP A 258 -24.96 16.28 23.49
C ASP A 258 -25.77 15.00 23.32
N ARG A 259 -26.92 15.10 22.66
CA ARG A 259 -27.81 13.96 22.49
C ARG A 259 -27.24 13.00 21.46
N VAL A 260 -26.58 13.56 20.44
CA VAL A 260 -25.99 12.73 19.43
C VAL A 260 -24.89 11.88 20.04
N MET A 261 -24.04 12.50 20.85
CA MET A 261 -22.92 11.81 21.48
C MET A 261 -23.42 10.76 22.46
N GLU A 262 -24.51 11.10 23.13
CA GLU A 262 -25.08 10.20 24.12
C GLU A 262 -25.80 8.99 23.50
N GLU A 263 -26.51 9.20 22.41
CA GLU A 263 -27.40 8.15 21.88
C GLU A 263 -26.95 7.56 20.56
N LEU A 264 -26.49 8.41 19.65
CA LEU A 264 -25.99 7.92 18.37
C LEU A 264 -24.64 7.18 18.52
N TYR A 265 -23.69 7.79 19.25
CA TYR A 265 -22.36 7.20 19.31
C TYR A 265 -22.33 5.70 19.68
N PRO A 266 -22.97 5.32 20.79
CA PRO A 266 -23.00 3.89 21.15
C PRO A 266 -23.52 2.97 20.02
N ARG A 267 -24.48 3.44 19.23
CA ARG A 267 -24.92 2.67 18.04
C ARG A 267 -23.79 2.56 17.01
N LEU A 268 -23.12 3.67 16.74
CA LEU A 268 -22.08 3.67 15.73
C LEU A 268 -20.95 2.73 16.15
N LYS A 269 -20.57 2.81 17.43
CA LYS A 269 -19.51 1.98 17.95
C LYS A 269 -19.89 0.50 17.84
N SER A 270 -21.12 0.18 18.22
CA SER A 270 -21.60 -1.20 18.19
C SER A 270 -21.62 -1.78 16.77
N LEU A 271 -22.10 -1.00 15.81
CA LEU A 271 -22.07 -1.43 14.41
C LEU A 271 -20.63 -1.63 13.92
N THR A 272 -19.76 -0.72 14.32
CA THR A 272 -18.39 -0.77 13.86
C THR A 272 -17.66 -2.02 14.40
N LEU A 273 -17.88 -2.32 15.67
CA LEU A 273 -17.30 -3.54 16.27
C LEU A 273 -17.84 -4.80 15.63
N LEU A 274 -19.10 -4.77 15.25
CA LEU A 274 -19.70 -5.88 14.55
C LEU A 274 -19.01 -6.05 13.18
N ALA A 275 -18.75 -4.95 12.49
CA ALA A 275 -18.04 -5.04 11.21
C ALA A 275 -16.62 -5.57 11.39
N ARG A 276 -15.95 -5.12 12.45
CA ARG A 276 -14.60 -5.63 12.72
C ARG A 276 -14.60 -7.14 12.95
N GLN A 277 -15.56 -7.63 13.73
CA GLN A 277 -15.69 -9.07 13.98
C GLN A 277 -15.67 -9.88 12.68
N TYR A 278 -16.32 -9.35 11.64
CA TYR A 278 -16.34 -10.02 10.36
C TYR A 278 -15.25 -9.53 9.41
N ASP A 279 -14.50 -8.51 9.83
CA ASP A 279 -13.49 -7.89 8.97
C ASP A 279 -14.04 -7.36 7.64
N ILE A 280 -15.11 -6.59 7.70
CA ILE A 280 -15.64 -5.91 6.51
C ILE A 280 -15.54 -4.39 6.72
N GLY A 281 -15.43 -3.64 5.63
CA GLY A 281 -15.34 -2.19 5.74
C GLY A 281 -16.68 -1.60 6.15
N ILE A 282 -16.66 -0.57 7.00
CA ILE A 282 -17.88 0.12 7.35
C ILE A 282 -17.72 1.61 7.10
N ASN A 283 -18.59 2.15 6.25
CA ASN A 283 -18.44 3.52 5.78
C ASN A 283 -19.48 4.47 6.35
N ILE A 284 -19.02 5.62 6.82
CA ILE A 284 -19.91 6.67 7.34
C ILE A 284 -20.16 7.70 6.25
N ASP A 285 -21.44 7.89 5.93
N ASP A 285 -21.42 7.85 5.85
CA ASP A 285 -21.87 8.80 4.88
CA ASP A 285 -21.75 8.75 4.74
C ASP A 285 -21.55 10.24 5.25
C ASP A 285 -21.71 10.21 5.22
N ALA A 286 -21.63 11.14 4.28
CA ALA A 286 -21.60 12.58 4.59
C ALA A 286 -22.91 13.24 4.20
N GLU A 287 -23.38 14.16 5.03
CA GLU A 287 -24.67 14.79 4.79
C GLU A 287 -24.59 16.31 4.59
N GLU A 288 -25.51 17.06 5.18
CA GLU A 288 -25.47 18.52 5.05
C GLU A 288 -24.25 19.08 5.77
N SER A 289 -23.83 20.27 5.36
CA SER A 289 -22.57 20.83 5.83
C SER A 289 -22.60 21.17 7.31
N ASP A 290 -23.77 21.48 7.86
CA ASP A 290 -23.85 21.75 9.30
C ASP A 290 -23.87 20.48 10.15
N ARG A 291 -23.76 19.32 9.50
CA ARG A 291 -23.55 18.05 10.22
C ARG A 291 -22.08 17.66 10.27
N LEU A 292 -21.25 18.36 9.51
CA LEU A 292 -19.85 17.95 9.34
C LEU A 292 -19.09 17.81 10.67
N GLU A 293 -19.08 18.88 11.45
CA GLU A 293 -18.38 18.91 12.74
C GLU A 293 -18.84 17.81 13.69
N ILE A 294 -20.16 17.61 13.82
CA ILE A 294 -20.68 16.51 14.65
C ILE A 294 -20.10 15.17 14.16
N SER A 295 -20.16 14.93 12.85
CA SER A 295 -19.69 13.67 12.29
C SER A 295 -18.20 13.45 12.55
N LEU A 296 -17.43 14.54 12.56
CA LEU A 296 -15.99 14.45 12.78
C LEU A 296 -15.68 14.06 14.23
N ASP A 297 -16.46 14.60 15.16
CA ASP A 297 -16.34 14.21 16.57
C ASP A 297 -16.70 12.75 16.79
N LEU A 298 -17.75 12.29 16.13
CA LEU A 298 -18.10 10.88 16.18
C LEU A 298 -16.94 10.03 15.65
N LEU A 299 -16.31 10.49 14.57
CA LEU A 299 -15.22 9.74 13.95
C LEU A 299 -13.99 9.67 14.86
N GLU A 300 -13.64 10.82 15.45
CA GLU A 300 -12.50 10.93 16.36
C GLU A 300 -12.65 9.97 17.54
N LYS A 301 -13.80 9.99 18.20
CA LYS A 301 -14.04 9.11 19.35
C LYS A 301 -13.95 7.65 18.92
N LEU A 302 -14.63 7.30 17.83
CA LEU A 302 -14.60 5.95 17.29
C LEU A 302 -13.17 5.45 17.02
N CYS A 303 -12.31 6.32 16.50
CA CYS A 303 -10.95 5.94 16.16
C CYS A 303 -10.08 5.62 17.39
N PHE A 304 -10.53 6.03 18.56
CA PHE A 304 -9.77 5.76 19.78
C PHE A 304 -10.39 4.70 20.67
N GLU A 305 -11.35 3.95 20.13
CA GLU A 305 -11.86 2.80 20.84
C GLU A 305 -10.76 1.73 20.92
N PRO A 306 -10.45 1.28 22.14
CA PRO A 306 -9.48 0.19 22.37
C PRO A 306 -9.76 -1.05 21.50
N GLU A 307 -11.02 -1.46 21.43
CA GLU A 307 -11.38 -2.67 20.70
C GLU A 307 -11.23 -2.53 19.18
N LEU A 308 -10.98 -1.31 18.71
CA LEU A 308 -10.78 -1.07 17.27
C LEU A 308 -9.31 -0.87 16.94
N ALA A 309 -8.46 -0.92 17.96
CA ALA A 309 -7.04 -0.69 17.78
C ALA A 309 -6.50 -1.66 16.74
N GLY A 310 -5.68 -1.15 15.83
CA GLY A 310 -5.09 -2.00 14.82
C GLY A 310 -5.95 -2.32 13.61
N TRP A 311 -7.25 -2.04 13.68
CA TRP A 311 -8.15 -2.34 12.56
C TRP A 311 -8.35 -1.13 11.65
N ASN A 312 -8.31 -1.35 10.34
CA ASN A 312 -8.31 -0.25 9.36
C ASN A 312 -9.56 -0.18 8.48
N GLY A 313 -10.63 -0.81 8.94
CA GLY A 313 -11.85 -0.90 8.15
C GLY A 313 -12.82 0.23 8.37
N ILE A 314 -12.42 1.23 9.17
CA ILE A 314 -13.26 2.41 9.38
C ILE A 314 -13.24 3.30 8.16
N GLY A 315 -14.42 3.60 7.60
CA GLY A 315 -14.52 4.42 6.42
C GLY A 315 -15.32 5.69 6.64
N PHE A 316 -15.01 6.72 5.84
CA PHE A 316 -15.59 8.05 6.04
C PHE A 316 -15.67 8.83 4.71
N VAL A 317 -16.82 9.47 4.48
CA VAL A 317 -17.01 10.26 3.28
C VAL A 317 -16.61 11.71 3.49
N ILE A 318 -15.91 12.29 2.52
CA ILE A 318 -15.74 13.74 2.47
C ILE A 318 -16.22 14.29 1.12
N GLN A 319 -16.71 15.53 1.11
CA GLN A 319 -17.32 16.13 -0.08
C GLN A 319 -16.48 17.28 -0.68
N ALA A 320 -16.02 17.09 -1.92
CA ALA A 320 -15.10 18.04 -2.56
C ALA A 320 -15.70 19.43 -2.77
N TYR A 321 -17.03 19.51 -2.87
CA TYR A 321 -17.68 20.80 -3.13
C TYR A 321 -17.67 21.75 -1.95
N GLN A 322 -17.26 21.24 -0.78
CA GLN A 322 -17.12 22.08 0.39
C GLN A 322 -15.77 22.80 0.35
N LYS A 323 -15.76 24.05 0.78
CA LYS A 323 -14.52 24.81 0.85
C LYS A 323 -13.64 24.27 1.97
N ARG A 324 -14.25 23.62 2.95
CA ARG A 324 -13.50 23.05 4.07
C ARG A 324 -12.77 21.76 3.72
N CYS A 325 -13.04 21.19 2.55
CA CYS A 325 -12.55 19.83 2.25
C CYS A 325 -11.03 19.62 2.44
N PRO A 326 -10.19 20.50 1.87
CA PRO A 326 -8.74 20.30 2.06
C PRO A 326 -8.34 20.30 3.54
N LEU A 327 -8.96 21.16 4.35
CA LEU A 327 -8.67 21.20 5.78
C LEU A 327 -9.17 19.95 6.48
N VAL A 328 -10.33 19.46 6.05
CA VAL A 328 -10.83 18.20 6.58
C VAL A 328 -9.82 17.10 6.30
N ILE A 329 -9.26 17.07 5.09
CA ILE A 329 -8.24 16.09 4.73
C ILE A 329 -7.00 16.16 5.64
N ASP A 330 -6.52 17.38 5.89
CA ASP A 330 -5.39 17.56 6.82
C ASP A 330 -5.70 16.96 8.21
N TYR A 331 -6.93 17.17 8.66
CA TYR A 331 -7.35 16.63 9.96
C TYR A 331 -7.42 15.10 9.95
N LEU A 332 -7.95 14.55 8.86
CA LEU A 332 -8.05 13.10 8.71
C LEU A 332 -6.65 12.45 8.67
N ILE A 333 -5.71 13.13 8.03
CA ILE A 333 -4.33 12.66 8.00
C ILE A 333 -3.74 12.67 9.42
N ASP A 334 -3.95 13.76 10.13
CA ASP A 334 -3.58 13.92 11.53
C ASP A 334 -4.21 12.82 12.40
N LEU A 335 -5.50 12.55 12.18
CA LEU A 335 -6.23 11.56 12.97
C LEU A 335 -5.74 10.12 12.72
N ALA A 336 -5.56 9.77 11.45
CA ALA A 336 -4.99 8.47 11.08
C ALA A 336 -3.62 8.30 11.76
N THR A 337 -2.83 9.36 11.77
CA THR A 337 -1.53 9.33 12.44
C THR A 337 -1.67 9.10 13.94
N ARG A 338 -2.47 9.94 14.59
CA ARG A 338 -2.60 9.88 16.04
C ARG A 338 -3.22 8.57 16.49
N SER A 339 -4.14 8.03 15.69
CA SER A 339 -4.84 6.81 16.07
C SER A 339 -4.23 5.55 15.47
N ARG A 340 -3.11 5.71 14.78
CA ARG A 340 -2.33 4.58 14.29
C ARG A 340 -3.17 3.65 13.42
N ARG A 341 -3.77 4.20 12.38
CA ARG A 341 -4.50 3.38 11.45
C ARG A 341 -4.44 3.97 10.06
N ARG A 342 -4.96 3.21 9.11
CA ARG A 342 -5.16 3.71 7.78
C ARG A 342 -6.67 3.91 7.62
N LEU A 343 -7.08 5.12 7.27
CA LEU A 343 -8.50 5.42 7.11
C LEU A 343 -8.97 5.15 5.69
N MET A 344 -10.15 4.55 5.55
CA MET A 344 -10.74 4.41 4.22
C MET A 344 -11.58 5.65 3.93
N ILE A 345 -11.18 6.43 2.93
CA ILE A 345 -11.84 7.71 2.66
C ILE A 345 -12.51 7.75 1.29
N ARG A 346 -13.84 7.90 1.31
CA ARG A 346 -14.62 7.99 0.08
C ARG A 346 -14.74 9.44 -0.32
N LEU A 347 -14.07 9.80 -1.41
CA LEU A 347 -14.11 11.17 -1.90
C LEU A 347 -15.25 11.27 -2.91
N VAL A 348 -16.24 12.10 -2.59
CA VAL A 348 -17.33 12.36 -3.51
C VAL A 348 -17.34 13.85 -3.80
N LYS A 349 -18.12 14.26 -4.80
CA LYS A 349 -18.25 15.69 -5.06
C LYS A 349 -19.21 16.38 -4.10
N GLY A 350 -20.33 15.73 -3.78
CA GLY A 350 -21.33 16.30 -2.88
C GLY A 350 -22.73 16.18 -3.46
N ALA A 351 -23.68 15.71 -2.64
CA ALA A 351 -25.02 15.38 -3.14
C ALA A 351 -26.09 16.42 -2.82
N TYR A 352 -25.74 17.44 -2.03
CA TYR A 352 -26.76 18.35 -1.52
C TYR A 352 -26.57 19.81 -1.94
N TRP A 353 -26.06 20.02 -3.15
CA TRP A 353 -25.71 21.37 -3.61
C TRP A 353 -26.90 22.35 -3.59
N ASP A 354 -28.03 21.93 -4.14
CA ASP A 354 -29.20 22.80 -4.16
C ASP A 354 -29.60 23.25 -2.77
N SER A 355 -29.71 22.31 -1.84
CA SER A 355 -30.14 22.64 -0.49
C SER A 355 -29.09 23.43 0.29
N GLU A 356 -27.82 23.22 -0.02
CA GLU A 356 -26.75 24.01 0.59
C GLU A 356 -26.91 25.49 0.19
N ILE A 357 -27.16 25.73 -1.10
CA ILE A 357 -27.34 27.08 -1.59
C ILE A 357 -28.59 27.69 -0.98
N LYS A 358 -29.71 26.98 -1.09
CA LYS A 358 -30.98 27.41 -0.50
C LYS A 358 -30.87 27.80 0.98
N ARG A 359 -30.30 26.91 1.79
CA ARG A 359 -30.24 27.15 3.23
C ARG A 359 -29.39 28.37 3.62
N ALA A 360 -28.27 28.59 2.91
CA ALA A 360 -27.44 29.76 3.17
C ALA A 360 -28.15 31.07 2.81
N GLN A 361 -28.95 31.04 1.75
CA GLN A 361 -29.72 32.22 1.37
C GLN A 361 -30.79 32.50 2.42
N MET A 362 -31.55 31.46 2.80
CA MET A 362 -32.62 31.61 3.78
C MET A 362 -32.09 32.08 5.14
N ASP A 363 -30.89 31.66 5.49
CA ASP A 363 -30.31 32.00 6.79
C ASP A 363 -29.54 33.32 6.75
N GLY A 364 -29.31 33.85 5.56
CA GLY A 364 -28.62 35.12 5.39
C GLY A 364 -27.16 35.11 5.78
N LEU A 365 -26.46 34.02 5.49
CA LEU A 365 -25.06 33.87 5.88
C LEU A 365 -24.09 34.78 5.11
N GLU A 366 -22.87 34.89 5.61
CA GLU A 366 -21.84 35.71 4.99
C GLU A 366 -21.39 35.15 3.64
N GLY A 367 -21.65 33.87 3.42
CA GLY A 367 -21.27 33.21 2.18
C GLY A 367 -21.77 31.77 2.11
N TYR A 368 -21.30 31.02 1.13
CA TYR A 368 -21.71 29.63 0.97
C TYR A 368 -20.64 28.66 1.48
N PRO A 369 -21.06 27.48 1.98
CA PRO A 369 -20.09 26.47 2.41
C PRO A 369 -19.59 25.70 1.18
N VAL A 370 -20.22 25.91 0.03
CA VAL A 370 -19.84 25.21 -1.19
C VAL A 370 -19.57 26.16 -2.35
N TYR A 371 -18.90 25.66 -3.38
CA TYR A 371 -18.67 26.41 -4.61
C TYR A 371 -19.98 26.60 -5.35
N THR A 372 -20.05 27.61 -6.21
CA THR A 372 -21.28 27.92 -6.93
C THR A 372 -21.16 27.62 -8.41
N ARG A 373 -19.95 27.32 -8.86
CA ARG A 373 -19.76 26.83 -10.22
C ARG A 373 -19.21 25.41 -10.18
N LYS A 374 -19.69 24.59 -11.09
CA LYS A 374 -19.43 23.16 -11.05
C LYS A 374 -17.95 22.88 -11.28
N VAL A 375 -17.35 23.67 -12.17
CA VAL A 375 -15.94 23.49 -12.51
C VAL A 375 -15.03 23.68 -11.30
N TYR A 376 -15.43 24.53 -10.35
CA TYR A 376 -14.68 24.74 -9.12
C TYR A 376 -14.66 23.47 -8.25
N THR A 377 -15.80 22.79 -8.19
CA THR A 377 -15.86 21.52 -7.46
C THR A 377 -14.98 20.45 -8.12
N ASP A 378 -14.90 20.49 -9.44
CA ASP A 378 -14.04 19.56 -10.18
C ASP A 378 -12.57 19.84 -9.88
N VAL A 379 -12.24 21.13 -9.76
CA VAL A 379 -10.90 21.53 -9.38
C VAL A 379 -10.62 21.04 -7.96
N SER A 380 -11.57 21.28 -7.07
CA SER A 380 -11.41 20.86 -5.68
C SER A 380 -11.22 19.34 -5.57
N TYR A 381 -12.04 18.58 -6.30
CA TYR A 381 -11.97 17.11 -6.26
C TYR A 381 -10.56 16.61 -6.65
N LEU A 382 -10.01 17.18 -7.71
CA LEU A 382 -8.68 16.81 -8.19
C LEU A 382 -7.56 17.18 -7.21
N ALA A 383 -7.62 18.38 -6.66
CA ALA A 383 -6.60 18.81 -5.69
C ALA A 383 -6.67 17.92 -4.46
N CYS A 384 -7.89 17.63 -4.02
CA CYS A 384 -8.14 16.77 -2.87
C CYS A 384 -7.68 15.32 -3.13
N ALA A 385 -7.92 14.82 -4.34
CA ALA A 385 -7.46 13.49 -4.73
C ALA A 385 -5.94 13.34 -4.64
N LYS A 386 -5.23 14.36 -5.10
CA LYS A 386 -3.77 14.38 -5.02
C LYS A 386 -3.29 14.29 -3.57
N LYS A 387 -3.94 15.06 -2.70
CA LYS A 387 -3.59 15.06 -1.28
C LYS A 387 -3.80 13.69 -0.66
N LEU A 388 -4.88 13.01 -1.06
CA LEU A 388 -5.15 11.67 -0.55
C LEU A 388 -4.09 10.67 -1.01
N LEU A 389 -3.77 10.71 -2.30
CA LEU A 389 -2.83 9.77 -2.92
C LEU A 389 -1.41 9.91 -2.38
N ALA A 390 -1.10 11.09 -1.86
CA ALA A 390 0.25 11.36 -1.38
C ALA A 390 0.52 10.64 -0.06
N VAL A 391 -0.53 10.16 0.61
CA VAL A 391 -0.30 9.54 1.91
C VAL A 391 -0.85 8.11 2.03
N PRO A 392 -0.28 7.17 1.23
CA PRO A 392 -0.72 5.77 1.16
C PRO A 392 -0.69 5.08 2.51
N ASN A 393 0.23 5.50 3.38
CA ASN A 393 0.34 4.87 4.69
C ASN A 393 -0.83 5.21 5.62
N LEU A 394 -1.51 6.33 5.35
CA LEU A 394 -2.50 6.85 6.29
C LEU A 394 -3.92 6.79 5.74
N ILE A 395 -4.04 6.66 4.42
CA ILE A 395 -5.32 6.73 3.75
C ILE A 395 -5.44 5.76 2.58
N TYR A 396 -6.59 5.09 2.51
CA TYR A 396 -6.97 4.29 1.34
C TYR A 396 -8.05 5.05 0.60
N PRO A 397 -7.69 5.74 -0.49
CA PRO A 397 -8.68 6.60 -1.15
C PRO A 397 -9.64 5.79 -2.01
N GLN A 398 -10.90 6.18 -1.97
CA GLN A 398 -11.99 5.52 -2.69
C GLN A 398 -12.66 6.60 -3.51
N PHE A 399 -12.39 6.61 -4.80
CA PHE A 399 -12.76 7.73 -5.65
C PHE A 399 -14.12 7.49 -6.30
N ALA A 400 -15.13 8.09 -5.68
CA ALA A 400 -16.51 7.91 -6.07
C ALA A 400 -16.87 8.97 -7.09
N THR A 401 -16.98 8.54 -8.35
CA THR A 401 -17.38 9.44 -9.43
C THR A 401 -17.88 8.64 -10.62
N HIS A 402 -18.77 9.25 -11.40
CA HIS A 402 -19.23 8.67 -12.67
C HIS A 402 -18.77 9.54 -13.83
N ASN A 403 -17.85 10.45 -13.54
CA ASN A 403 -17.35 11.39 -14.54
C ASN A 403 -16.11 10.82 -15.21
N ALA A 404 -16.16 10.66 -16.54
CA ALA A 404 -15.10 10.00 -17.28
C ALA A 404 -13.74 10.73 -17.22
N HIS A 405 -13.76 12.06 -17.20
CA HIS A 405 -12.52 12.81 -17.05
C HIS A 405 -11.92 12.66 -15.65
N THR A 406 -12.78 12.73 -14.64
CA THR A 406 -12.36 12.60 -13.25
C THR A 406 -11.70 11.24 -12.99
N LEU A 407 -12.33 10.18 -13.49
CA LEU A 407 -11.76 8.84 -13.44
C LEU A 407 -10.38 8.79 -14.12
N ALA A 408 -10.34 9.23 -15.38
CA ALA A 408 -9.10 9.20 -16.16
C ALA A 408 -7.99 9.98 -15.47
N ALA A 409 -8.33 11.13 -14.90
CA ALA A 409 -7.34 11.95 -14.23
C ALA A 409 -6.76 11.24 -13.01
N ILE A 410 -7.63 10.68 -12.16
CA ILE A 410 -7.18 9.96 -10.97
C ILE A 410 -6.31 8.78 -11.38
N TYR A 411 -6.76 8.05 -12.39
CA TYR A 411 -6.02 6.93 -12.93
C TYR A 411 -4.56 7.31 -13.22
N GLN A 412 -4.34 8.45 -13.87
CA GLN A 412 -2.99 8.92 -14.21
C GLN A 412 -2.28 9.48 -12.99
N LEU A 413 -3.00 10.25 -12.17
CA LEU A 413 -2.45 10.84 -10.96
C LEU A 413 -1.92 9.80 -9.96
N ALA A 414 -2.57 8.65 -9.91
CA ALA A 414 -2.16 7.61 -8.98
C ALA A 414 -0.82 7.02 -9.36
N GLY A 415 -0.37 7.32 -10.59
CA GLY A 415 0.98 6.94 -10.99
C GLY A 415 1.14 5.51 -11.44
N GLN A 416 2.38 5.14 -11.72
CA GLN A 416 2.76 3.80 -12.16
C GLN A 416 2.80 2.82 -10.98
N ASN A 417 2.74 1.53 -11.30
CA ASN A 417 2.91 0.47 -10.31
C ASN A 417 1.74 0.42 -9.34
N TYR A 418 0.53 0.47 -9.88
CA TYR A 418 -0.66 0.26 -9.07
C TYR A 418 -0.52 -1.08 -8.34
N TYR A 419 -1.01 -1.12 -7.10
CA TYR A 419 -1.22 -2.37 -6.37
C TYR A 419 -2.63 -2.29 -5.78
N PRO A 420 -3.30 -3.44 -5.62
CA PRO A 420 -4.68 -3.51 -5.14
C PRO A 420 -5.03 -2.62 -3.93
N GLY A 421 -4.18 -2.63 -2.92
CA GLY A 421 -4.40 -1.78 -1.75
C GLY A 421 -4.05 -0.32 -1.90
N GLN A 422 -3.72 0.13 -3.11
CA GLN A 422 -3.37 1.53 -3.30
C GLN A 422 -4.61 2.44 -3.28
N TYR A 423 -5.61 2.12 -4.10
CA TYR A 423 -6.87 2.85 -4.09
C TYR A 423 -7.93 2.06 -4.85
N GLU A 424 -9.18 2.54 -4.79
CA GLU A 424 -10.24 2.01 -5.65
C GLU A 424 -11.13 3.15 -6.12
N PHE A 425 -11.87 2.86 -7.19
CA PHE A 425 -12.96 3.71 -7.64
C PHE A 425 -14.24 3.20 -7.01
N GLN A 426 -15.24 4.06 -6.97
CA GLN A 426 -16.58 3.67 -6.54
C GLN A 426 -17.62 4.31 -7.44
N CYS A 427 -18.83 3.75 -7.42
CA CYS A 427 -19.90 4.28 -8.24
C CYS A 427 -21.24 3.85 -7.64
N LEU A 428 -22.31 4.50 -8.08
CA LEU A 428 -23.66 4.11 -7.65
C LEU A 428 -24.20 2.99 -8.52
N HIS A 429 -24.84 2.00 -7.91
CA HIS A 429 -25.52 0.97 -8.68
C HIS A 429 -26.51 1.61 -9.64
N GLY A 430 -26.45 1.19 -10.91
CA GLY A 430 -27.37 1.66 -11.91
C GLY A 430 -26.85 2.85 -12.70
N MET A 431 -25.88 3.56 -12.16
CA MET A 431 -25.31 4.71 -12.86
C MET A 431 -23.91 4.48 -13.40
N GLY A 432 -23.13 3.67 -12.71
CA GLY A 432 -21.70 3.57 -12.99
C GLY A 432 -21.21 2.37 -13.78
N GLU A 433 -21.97 1.28 -13.78
CA GLU A 433 -21.51 0.04 -14.40
C GLU A 433 -21.05 0.21 -15.85
N PRO A 434 -21.84 0.92 -16.68
CA PRO A 434 -21.40 1.04 -18.08
C PRO A 434 -20.04 1.72 -18.21
N LEU A 435 -19.75 2.70 -17.36
CA LEU A 435 -18.43 3.32 -17.38
C LEU A 435 -17.36 2.35 -16.88
N TYR A 436 -17.60 1.76 -15.72
CA TYR A 436 -16.60 0.94 -15.06
C TYR A 436 -16.39 -0.46 -15.68
N GLU A 437 -17.35 -0.90 -16.48
CA GLU A 437 -17.15 -2.14 -17.25
C GLU A 437 -15.88 -2.01 -18.08
N GLN A 438 -15.50 -0.78 -18.42
CA GLN A 438 -14.32 -0.52 -19.24
C GLN A 438 -13.04 -0.43 -18.41
N VAL A 439 -13.20 -0.38 -17.09
CA VAL A 439 -12.10 -0.05 -16.17
C VAL A 439 -11.74 -1.26 -15.32
N THR A 440 -12.75 -1.83 -14.67
CA THR A 440 -12.58 -3.04 -13.88
C THR A 440 -12.48 -4.25 -14.81
N GLY A 441 -11.58 -5.17 -14.50
CA GLY A 441 -11.38 -6.30 -15.38
C GLY A 441 -9.97 -6.38 -15.93
N LYS A 442 -9.69 -7.45 -16.67
CA LYS A 442 -8.34 -7.72 -17.16
C LYS A 442 -7.93 -6.81 -18.33
N VAL A 443 -6.65 -6.44 -18.34
CA VAL A 443 -6.09 -5.64 -19.42
C VAL A 443 -6.17 -6.39 -20.76
N ALA A 444 -6.13 -7.72 -20.70
CA ALA A 444 -6.21 -8.52 -21.91
C ALA A 444 -7.56 -8.34 -22.59
N ASP A 445 -8.56 -7.99 -21.79
CA ASP A 445 -9.92 -7.81 -22.30
C ASP A 445 -10.20 -6.36 -22.67
N GLY A 446 -9.17 -5.53 -22.61
CA GLY A 446 -9.31 -4.12 -22.93
C GLY A 446 -9.70 -3.27 -21.72
N LYS A 447 -9.55 -3.83 -20.53
CA LYS A 447 -9.85 -3.08 -19.31
C LYS A 447 -8.58 -2.44 -18.72
N LEU A 448 -8.74 -1.74 -17.60
CA LEU A 448 -7.65 -1.05 -16.94
C LEU A 448 -7.14 -1.81 -15.71
N ASN A 449 -7.88 -2.84 -15.30
CA ASN A 449 -7.55 -3.59 -14.10
C ASN A 449 -7.52 -2.73 -12.83
N ARG A 450 -8.53 -1.89 -12.65
CA ARG A 450 -8.66 -1.14 -11.41
C ARG A 450 -10.03 -1.44 -10.81
N PRO A 451 -10.07 -1.75 -9.51
CA PRO A 451 -11.31 -2.17 -8.88
C PRO A 451 -12.29 -1.00 -8.74
N CYS A 452 -13.57 -1.32 -8.83
CA CYS A 452 -14.61 -0.36 -8.55
C CYS A 452 -15.59 -0.98 -7.56
N ARG A 453 -15.91 -0.25 -6.50
CA ARG A 453 -16.86 -0.70 -5.51
C ARG A 453 -18.22 -0.07 -5.78
N ILE A 454 -19.23 -0.92 -5.98
CA ILE A 454 -20.58 -0.48 -6.28
C ILE A 454 -21.38 -0.23 -5.00
N TYR A 455 -21.93 0.97 -4.89
CA TYR A 455 -22.79 1.32 -3.78
C TYR A 455 -24.18 0.81 -4.12
N ALA A 456 -24.67 -0.15 -3.34
CA ALA A 456 -25.89 -0.88 -3.68
C ALA A 456 -26.94 -0.70 -2.61
N PRO A 457 -27.93 0.15 -2.91
CA PRO A 457 -29.10 0.33 -2.03
C PRO A 457 -29.90 -0.97 -1.93
N VAL A 458 -30.27 -1.34 -0.72
CA VAL A 458 -31.07 -2.54 -0.46
C VAL A 458 -32.33 -2.14 0.29
N GLY A 459 -33.48 -2.62 -0.17
CA GLY A 459 -34.75 -2.36 0.48
C GLY A 459 -35.95 -2.60 -0.44
N THR A 460 -37.15 -2.54 0.11
CA THR A 460 -38.36 -2.63 -0.71
C THR A 460 -38.24 -1.65 -1.86
N HIS A 461 -38.54 -2.12 -3.07
CA HIS A 461 -38.40 -1.29 -4.26
C HIS A 461 -39.23 -0.01 -4.15
N GLU A 462 -40.32 -0.07 -3.38
CA GLU A 462 -41.16 1.09 -3.17
C GLU A 462 -40.35 2.25 -2.58
N THR A 463 -39.62 1.95 -1.50
CA THR A 463 -38.81 2.94 -0.81
C THR A 463 -37.70 3.50 -1.71
N LEU A 464 -37.75 3.18 -3.01
CA LEU A 464 -36.79 3.70 -3.98
C LEU A 464 -37.05 5.18 -4.28
N LEU A 465 -38.20 5.69 -3.81
CA LEU A 465 -38.56 7.09 -4.00
C LEU A 465 -37.41 8.03 -3.66
N ALA A 466 -36.54 7.59 -2.75
CA ALA A 466 -35.35 8.36 -2.39
C ALA A 466 -34.49 8.64 -3.61
N TYR A 467 -34.31 7.62 -4.45
CA TYR A 467 -33.50 7.74 -5.66
C TYR A 467 -33.96 8.90 -6.53
N LEU A 468 -35.25 8.91 -6.89
CA LEU A 468 -35.80 10.00 -7.68
C LEU A 468 -35.51 11.34 -7.02
N VAL A 469 -35.63 11.38 -5.70
CA VAL A 469 -35.36 12.58 -4.93
C VAL A 469 -33.93 13.07 -5.09
N ARG A 470 -33.04 12.18 -5.51
CA ARG A 470 -31.65 12.58 -5.83
C ARG A 470 -31.03 11.67 -6.89
N GLY A 476 -30.39 17.01 -10.48
CA GLY A 476 -29.96 17.99 -11.46
C GLY A 476 -28.48 18.30 -11.31
N ALA A 477 -28.12 18.89 -10.18
CA ALA A 477 -26.72 19.11 -9.85
C ALA A 477 -25.96 17.78 -9.90
N ASN A 478 -26.55 16.74 -9.30
CA ASN A 478 -25.90 15.45 -9.13
C ASN A 478 -25.82 14.58 -10.40
N THR A 479 -26.47 15.02 -11.47
CA THR A 479 -26.45 14.30 -12.74
C THR A 479 -25.75 15.08 -13.85
N SER A 480 -25.01 16.11 -13.46
CA SER A 480 -24.32 16.95 -14.44
C SER A 480 -23.68 16.14 -15.57
N PHE A 481 -22.68 15.32 -15.23
CA PHE A 481 -21.92 14.61 -16.26
C PHE A 481 -22.73 13.58 -17.04
N VAL A 482 -23.58 12.83 -16.34
CA VAL A 482 -24.33 11.74 -16.97
C VAL A 482 -25.35 12.26 -17.99
N ASN A 483 -25.89 13.46 -17.72
CA ASN A 483 -26.83 14.08 -18.64
C ASN A 483 -26.11 14.74 -19.82
N ARG A 484 -24.90 15.24 -19.56
CA ARG A 484 -24.11 15.89 -20.59
C ARG A 484 -23.58 14.88 -21.59
N ILE A 485 -23.29 13.67 -21.13
CA ILE A 485 -22.82 12.62 -22.03
C ILE A 485 -23.98 12.02 -22.81
N ALA A 486 -25.19 12.21 -22.29
CA ALA A 486 -26.40 11.77 -22.98
C ALA A 486 -26.75 12.76 -24.10
N ASP A 487 -26.29 13.99 -23.93
CA ASP A 487 -26.52 15.03 -24.93
C ASP A 487 -25.56 14.87 -26.10
N THR A 488 -25.98 14.14 -27.11
CA THR A 488 -25.14 13.84 -28.26
C THR A 488 -24.87 15.07 -29.14
N SER A 489 -25.35 16.23 -28.70
CA SER A 489 -25.06 17.48 -29.39
C SER A 489 -23.90 18.20 -28.72
N LEU A 490 -23.55 17.75 -27.51
CA LEU A 490 -22.39 18.27 -26.80
C LEU A 490 -21.13 17.51 -27.20
N PRO A 491 -20.11 18.23 -27.69
CA PRO A 491 -18.85 17.62 -28.12
C PRO A 491 -18.13 16.93 -26.97
N LEU A 492 -17.52 15.77 -27.26
CA LEU A 492 -16.81 15.00 -26.25
C LEU A 492 -15.65 15.77 -25.65
N ASP A 493 -14.99 16.60 -26.47
CA ASP A 493 -13.82 17.35 -26.03
C ASP A 493 -14.14 18.43 -25.00
N GLU A 494 -15.37 18.93 -25.03
CA GLU A 494 -15.84 19.85 -24.02
C GLU A 494 -16.37 19.07 -22.83
N LEU A 495 -16.78 17.84 -23.09
CA LEU A 495 -17.28 16.97 -22.03
C LEU A 495 -16.14 16.60 -21.09
N VAL A 496 -14.96 16.37 -21.66
CA VAL A 496 -13.83 15.90 -20.87
C VAL A 496 -12.71 16.95 -20.74
N ALA A 497 -13.09 18.21 -20.89
CA ALA A 497 -12.14 19.31 -20.79
C ALA A 497 -11.53 19.43 -19.39
N ASP A 498 -10.24 19.75 -19.33
CA ASP A 498 -9.54 19.91 -18.08
C ASP A 498 -10.14 21.04 -17.24
N PRO A 499 -10.47 20.75 -15.96
CA PRO A 499 -11.04 21.74 -15.05
C PRO A 499 -10.14 22.95 -14.87
N VAL A 500 -8.86 22.74 -14.56
CA VAL A 500 -7.93 23.84 -14.36
C VAL A 500 -7.88 24.77 -15.57
N THR A 501 -7.72 24.19 -16.76
CA THR A 501 -7.70 24.99 -18.00
C THR A 501 -8.97 25.79 -18.18
N ALA A 502 -10.11 25.18 -17.86
CA ALA A 502 -11.39 25.86 -17.99
C ALA A 502 -11.49 27.07 -17.03
N VAL A 503 -10.98 26.93 -15.81
CA VAL A 503 -10.99 28.04 -14.86
C VAL A 503 -10.15 29.23 -15.36
N GLU A 504 -9.00 28.91 -15.97
CA GLU A 504 -8.13 29.94 -16.55
C GLU A 504 -8.82 30.70 -17.68
N LYS A 505 -9.53 29.97 -18.53
CA LYS A 505 -10.33 30.56 -19.59
C LYS A 505 -11.39 31.52 -19.03
N LEU A 506 -12.12 31.07 -18.01
CA LEU A 506 -13.12 31.89 -17.33
C LEU A 506 -12.53 33.19 -16.77
N ALA A 507 -11.37 33.07 -16.13
CA ALA A 507 -10.65 34.22 -15.59
C ALA A 507 -10.33 35.22 -16.71
N GLN A 508 -9.93 34.68 -17.85
CA GLN A 508 -9.58 35.49 -19.02
C GLN A 508 -10.80 36.28 -19.48
N GLN A 509 -11.93 35.60 -19.55
CA GLN A 509 -13.16 36.23 -20.02
C GLN A 509 -13.73 37.22 -19.01
N GLU A 510 -13.60 36.91 -17.73
CA GLU A 510 -14.28 37.68 -16.69
C GLU A 510 -13.39 38.70 -15.99
N GLY A 511 -12.08 38.58 -16.19
CA GLY A 511 -11.14 39.56 -15.66
C GLY A 511 -10.59 39.23 -14.29
N GLN A 512 -11.01 38.08 -13.75
CA GLN A 512 -10.56 37.63 -12.43
C GLN A 512 -10.82 36.14 -12.23
N THR A 513 -9.89 35.47 -11.56
CA THR A 513 -9.99 34.03 -11.33
C THR A 513 -10.97 33.69 -10.20
N GLY A 514 -11.78 32.65 -10.39
CA GLY A 514 -12.59 32.11 -9.32
C GLY A 514 -13.78 32.94 -8.85
N LEU A 515 -14.31 33.78 -9.73
CA LEU A 515 -15.53 34.52 -9.42
C LEU A 515 -16.74 33.59 -9.26
N PRO A 516 -17.63 33.90 -8.31
CA PRO A 516 -18.87 33.16 -8.09
C PRO A 516 -19.73 33.09 -9.37
N HIS A 517 -20.53 32.05 -9.48
CA HIS A 517 -21.53 31.96 -10.55
C HIS A 517 -22.28 33.29 -10.66
N PRO A 518 -22.37 33.84 -11.88
CA PRO A 518 -23.00 35.15 -12.10
C PRO A 518 -24.48 35.18 -11.69
N LYS A 519 -25.12 34.02 -11.69
CA LYS A 519 -26.54 33.95 -11.37
C LYS A 519 -26.80 33.62 -9.90
N ILE A 520 -25.73 33.50 -9.13
CA ILE A 520 -25.87 33.22 -7.71
C ILE A 520 -25.06 34.18 -6.85
N PRO A 521 -25.72 35.28 -6.41
CA PRO A 521 -25.11 36.29 -5.56
C PRO A 521 -25.02 35.81 -4.12
N LEU A 522 -24.24 36.49 -3.28
CA LEU A 522 -24.12 36.10 -1.89
C LEU A 522 -25.47 36.22 -1.19
N PRO A 523 -25.66 35.47 -0.09
CA PRO A 523 -26.94 35.51 0.63
C PRO A 523 -27.41 36.92 0.97
N ARG A 524 -26.48 37.80 1.34
CA ARG A 524 -26.87 39.15 1.73
C ARG A 524 -27.02 40.11 0.53
N ASP A 525 -27.31 39.56 -0.64
CA ASP A 525 -27.54 40.35 -1.85
C ASP A 525 -28.83 39.96 -2.57
N PRO B 2 27.87 13.70 -3.65
CA PRO B 2 27.38 14.47 -2.50
C PRO B 2 26.37 13.66 -1.70
N GLN B 3 26.50 13.73 -0.38
CA GLN B 3 25.67 12.92 0.50
C GLN B 3 24.58 13.74 1.21
N SER B 4 23.45 13.09 1.45
CA SER B 4 22.45 13.61 2.36
C SER B 4 22.95 13.39 3.79
N VAL B 5 22.34 14.06 4.75
CA VAL B 5 22.68 13.89 6.16
C VAL B 5 22.46 12.45 6.64
N SER B 6 21.38 11.82 6.17
CA SER B 6 21.07 10.44 6.54
C SER B 6 22.14 9.52 6.00
N ARG B 7 22.59 9.82 4.79
CA ARG B 7 23.64 9.03 4.16
C ARG B 7 24.96 9.12 4.94
N ALA B 8 25.34 10.33 5.36
CA ALA B 8 26.59 10.51 6.09
C ALA B 8 26.56 9.85 7.46
N ALA B 9 25.37 9.64 8.00
CA ALA B 9 25.23 9.09 9.35
C ALA B 9 25.62 7.61 9.47
N ILE B 10 25.69 6.91 8.33
CA ILE B 10 25.86 5.45 8.34
C ILE B 10 27.21 4.96 8.86
N THR B 11 28.29 5.64 8.45
CA THR B 11 29.65 5.24 8.78
C THR B 11 29.88 4.89 10.26
N ALA B 12 29.31 5.70 11.14
CA ALA B 12 29.54 5.58 12.58
C ALA B 12 29.25 4.19 13.15
N ALA B 13 28.29 3.48 12.56
CA ALA B 13 27.89 2.18 13.09
C ALA B 13 28.68 1.01 12.49
N TYR B 14 29.63 1.33 11.62
CA TYR B 14 30.35 0.32 10.85
C TYR B 14 30.66 -0.94 11.67
N ARG B 15 31.40 -0.79 12.76
CA ARG B 15 31.73 -1.95 13.58
C ARG B 15 31.64 -1.68 15.08
N ARG B 16 30.60 -0.96 15.50
CA ARG B 16 30.45 -0.60 16.91
C ARG B 16 30.31 -1.81 17.83
N PRO B 17 30.77 -1.68 19.08
CA PRO B 17 30.80 -2.82 20.01
C PRO B 17 29.47 -3.54 20.09
N GLU B 18 29.55 -4.86 20.14
CA GLU B 18 28.36 -5.69 20.14
C GLU B 18 27.43 -5.36 21.32
N THR B 19 28.01 -5.04 22.48
CA THR B 19 27.19 -4.70 23.64
C THR B 19 26.36 -3.44 23.36
N GLU B 20 26.94 -2.49 22.62
CA GLU B 20 26.24 -1.27 22.26
C GLU B 20 25.16 -1.51 21.21
N ALA B 21 25.53 -2.24 20.16
CA ALA B 21 24.63 -2.47 19.04
C ALA B 21 23.40 -3.27 19.52
N VAL B 22 23.63 -4.36 20.22
CA VAL B 22 22.51 -5.16 20.73
C VAL B 22 21.64 -4.37 21.70
N SER B 23 22.26 -3.63 22.61
CA SER B 23 21.53 -2.81 23.56
C SER B 23 20.57 -1.81 22.89
N MET B 24 21.02 -1.18 21.80
CA MET B 24 20.16 -0.22 21.10
C MET B 24 18.92 -0.87 20.51
N LEU B 25 19.07 -2.08 19.99
CA LEU B 25 18.05 -2.73 19.17
C LEU B 25 17.07 -3.62 19.91
N LEU B 26 17.47 -4.07 21.11
CA LEU B 26 16.75 -5.16 21.78
C LEU B 26 15.26 -4.91 21.88
N GLU B 27 14.88 -3.77 22.45
CA GLU B 27 13.45 -3.49 22.62
C GLU B 27 12.74 -3.20 21.30
N GLN B 28 13.48 -2.73 20.31
CA GLN B 28 12.91 -2.51 18.99
C GLN B 28 12.44 -3.81 18.34
N ALA B 29 12.99 -4.94 18.80
CA ALA B 29 12.63 -6.25 18.25
C ALA B 29 11.51 -6.91 19.05
N ARG B 30 11.02 -6.21 20.07
CA ARG B 30 9.98 -6.73 20.95
C ARG B 30 8.67 -7.07 20.25
N LEU B 31 8.18 -8.28 20.45
CA LEU B 31 6.82 -8.61 20.05
C LEU B 31 5.85 -8.27 21.17
N PRO B 32 4.83 -7.44 20.86
CA PRO B 32 3.75 -7.19 21.82
C PRO B 32 3.14 -8.51 22.30
N GLN B 33 2.82 -8.60 23.58
CA GLN B 33 2.23 -9.81 24.17
C GLN B 33 1.20 -10.53 23.30
N PRO B 34 0.16 -9.81 22.85
CA PRO B 34 -0.82 -10.45 21.98
C PRO B 34 -0.13 -11.09 20.77
N VAL B 35 0.72 -10.30 20.13
CA VAL B 35 1.42 -10.71 18.92
C VAL B 35 2.40 -11.86 19.15
N ALA B 36 3.05 -11.85 20.31
CA ALA B 36 4.04 -12.88 20.64
C ALA B 36 3.46 -14.30 20.73
N GLU B 37 2.30 -14.42 21.40
CA GLU B 37 1.67 -15.73 21.57
C GLU B 37 1.18 -16.26 20.23
N GLN B 38 0.68 -15.36 19.40
CA GLN B 38 0.15 -15.71 18.09
C GLN B 38 1.27 -16.16 17.16
N ALA B 39 2.37 -15.41 17.18
CA ALA B 39 3.52 -15.75 16.37
C ALA B 39 4.06 -17.12 16.78
N HIS B 40 4.15 -17.34 18.09
CA HIS B 40 4.64 -18.62 18.59
C HIS B 40 3.80 -19.79 18.11
N LYS B 41 2.48 -19.63 18.18
CA LYS B 41 1.58 -20.71 17.79
C LYS B 41 1.71 -21.02 16.31
N LEU B 42 1.69 -19.98 15.49
CA LEU B 42 1.84 -20.13 14.05
C LEU B 42 3.20 -20.75 13.74
N ALA B 43 4.26 -20.23 14.37
CA ALA B 43 5.61 -20.74 14.14
C ALA B 43 5.70 -22.23 14.44
N TYR B 44 5.16 -22.62 15.59
CA TYR B 44 5.16 -24.01 16.01
C TYR B 44 4.48 -24.87 14.96
N GLN B 45 3.31 -24.43 14.53
CA GLN B 45 2.49 -25.18 13.58
C GLN B 45 3.13 -25.31 12.19
N LEU B 46 3.88 -24.31 11.75
CA LEU B 46 4.60 -24.42 10.48
C LEU B 46 5.79 -25.37 10.59
N ALA B 47 6.47 -25.31 11.73
CA ALA B 47 7.68 -26.11 11.95
C ALA B 47 7.30 -27.56 12.19
N ASP B 48 6.21 -27.76 12.92
CA ASP B 48 5.69 -29.09 13.17
C ASP B 48 5.24 -29.75 11.88
N LYS B 49 4.56 -28.98 11.03
CA LYS B 49 4.12 -29.46 9.73
C LYS B 49 5.34 -29.80 8.88
N LEU B 50 6.40 -29.03 9.08
CA LEU B 50 7.62 -29.19 8.30
C LEU B 50 8.36 -30.50 8.66
N ARG B 51 8.34 -30.85 9.94
CA ARG B 51 8.99 -32.09 10.38
C ARG B 51 8.12 -33.31 10.10
N ASN B 52 7.24 -33.20 9.11
CA ASN B 52 6.36 -34.29 8.75
C ASN B 52 6.26 -34.49 7.23
N GLY B 171 22.27 -32.06 -5.62
CA GLY B 171 21.03 -31.32 -5.77
C GLY B 171 20.83 -30.70 -7.14
N GLU B 172 19.85 -31.22 -7.88
CA GLU B 172 19.41 -30.61 -9.11
C GLU B 172 18.07 -29.93 -8.84
N GLN B 173 17.54 -30.18 -7.65
CA GLN B 173 16.27 -29.60 -7.20
C GLN B 173 16.46 -28.15 -6.77
N PHE B 174 17.62 -27.58 -7.08
CA PHE B 174 17.94 -26.22 -6.71
C PHE B 174 18.08 -25.30 -7.93
N VAL B 175 17.99 -25.88 -9.12
CA VAL B 175 18.10 -25.11 -10.36
C VAL B 175 16.80 -25.18 -11.16
N THR B 176 16.18 -24.02 -11.36
CA THR B 176 14.86 -23.93 -11.98
C THR B 176 14.87 -24.26 -13.46
N GLY B 177 16.02 -24.04 -14.10
CA GLY B 177 16.15 -24.25 -15.53
C GLY B 177 17.55 -23.89 -16.02
N GLU B 178 17.93 -24.46 -17.16
CA GLU B 178 19.26 -24.19 -17.69
C GLU B 178 19.28 -22.93 -18.54
N THR B 179 18.12 -22.56 -19.07
CA THR B 179 17.96 -21.34 -19.83
C THR B 179 16.78 -20.58 -19.23
N ILE B 180 16.69 -19.28 -19.49
CA ILE B 180 15.59 -18.50 -18.94
C ILE B 180 14.25 -18.98 -19.52
N ALA B 181 14.23 -19.37 -20.79
CA ALA B 181 13.01 -19.93 -21.39
C ALA B 181 12.49 -21.14 -20.61
N GLU B 182 13.40 -22.06 -20.30
CA GLU B 182 13.06 -23.26 -19.53
C GLU B 182 12.62 -22.90 -18.10
N ALA B 183 13.29 -21.94 -17.49
CA ALA B 183 12.89 -21.50 -16.15
C ALA B 183 11.49 -20.92 -16.19
N LEU B 184 11.22 -20.09 -17.20
CA LEU B 184 9.89 -19.51 -17.36
C LEU B 184 8.83 -20.59 -17.59
N ALA B 185 9.11 -21.54 -18.47
CA ALA B 185 8.18 -22.65 -18.71
C ALA B 185 7.83 -23.39 -17.41
N ASN B 186 8.82 -23.57 -16.54
CA ASN B 186 8.64 -24.31 -15.29
C ASN B 186 7.98 -23.52 -14.15
N ALA B 187 7.74 -22.23 -14.36
CA ALA B 187 7.28 -21.35 -13.28
C ALA B 187 5.77 -21.39 -13.04
N ARG B 188 5.03 -21.74 -14.07
CA ARG B 188 3.56 -21.73 -14.02
C ARG B 188 3.02 -22.55 -12.86
N LYS B 189 3.63 -23.72 -12.64
CA LYS B 189 3.22 -24.64 -11.59
C LYS B 189 3.01 -23.96 -10.23
N LEU B 190 4.01 -23.20 -9.77
CA LEU B 190 3.92 -22.58 -8.46
C LEU B 190 3.30 -21.19 -8.53
N GLU B 191 3.40 -20.55 -9.69
CA GLU B 191 2.73 -19.27 -9.87
C GLU B 191 1.21 -19.43 -9.77
N GLU B 192 0.67 -20.51 -10.32
CA GLU B 192 -0.75 -20.81 -10.18
C GLU B 192 -1.15 -20.87 -8.71
N LYS B 193 -0.22 -21.31 -7.86
CA LYS B 193 -0.50 -21.48 -6.43
C LYS B 193 -0.24 -20.21 -5.63
N GLY B 194 0.05 -19.12 -6.34
CA GLY B 194 0.22 -17.83 -5.68
C GLY B 194 1.66 -17.36 -5.53
N PHE B 195 2.62 -18.21 -5.86
CA PHE B 195 4.03 -17.84 -5.77
C PHE B 195 4.43 -16.85 -6.87
N ARG B 196 5.50 -16.12 -6.64
CA ARG B 196 6.11 -15.26 -7.64
C ARG B 196 7.56 -15.66 -7.79
N TYR B 197 8.24 -15.06 -8.77
CA TYR B 197 9.62 -15.43 -9.05
C TYR B 197 10.53 -14.23 -9.23
N SER B 198 11.78 -14.41 -8.81
CA SER B 198 12.87 -13.51 -9.18
C SER B 198 13.98 -14.37 -9.78
N TYR B 199 14.38 -14.09 -11.01
CA TYR B 199 15.36 -14.93 -11.70
C TYR B 199 16.77 -14.34 -11.68
N ASP B 200 17.77 -15.19 -11.42
CA ASP B 200 19.15 -14.73 -11.49
C ASP B 200 20.00 -15.62 -12.39
N MET B 201 20.67 -15.01 -13.37
CA MET B 201 21.57 -15.73 -14.25
C MET B 201 22.87 -15.93 -13.48
N LEU B 202 22.97 -17.06 -12.79
CA LEU B 202 24.02 -17.24 -11.81
C LEU B 202 25.30 -17.79 -12.44
N GLY B 203 26.41 -17.64 -11.73
CA GLY B 203 27.71 -18.05 -12.22
C GLY B 203 28.82 -17.41 -11.40
N GLU B 204 30.06 -17.54 -11.88
CA GLU B 204 31.22 -16.99 -11.17
C GLU B 204 31.33 -15.47 -11.30
N ALA B 205 31.89 -14.84 -10.27
CA ALA B 205 32.16 -13.41 -10.27
C ALA B 205 32.99 -13.03 -11.49
N ALA B 206 32.72 -11.86 -12.08
CA ALA B 206 33.44 -11.45 -13.27
C ALA B 206 34.92 -11.13 -12.96
N LEU B 207 35.82 -11.70 -13.76
CA LEU B 207 37.26 -11.45 -13.60
C LEU B 207 37.80 -10.42 -14.59
N THR B 208 37.21 -10.38 -15.79
CA THR B 208 37.64 -9.44 -16.83
C THR B 208 36.47 -8.60 -17.30
N ALA B 209 36.75 -7.62 -18.17
CA ALA B 209 35.67 -6.82 -18.74
C ALA B 209 34.79 -7.67 -19.65
N ALA B 210 35.39 -8.66 -20.29
CA ALA B 210 34.64 -9.57 -21.16
C ALA B 210 33.67 -10.48 -20.38
N ASP B 211 34.09 -10.96 -19.20
CA ASP B 211 33.18 -11.68 -18.32
C ASP B 211 31.99 -10.78 -17.97
N ALA B 212 32.30 -9.59 -17.46
CA ALA B 212 31.27 -8.62 -17.11
C ALA B 212 30.27 -8.44 -18.25
N GLN B 213 30.79 -8.22 -19.45
CA GLN B 213 29.96 -7.98 -20.63
C GLN B 213 29.12 -9.20 -21.02
N ALA B 214 29.70 -10.39 -20.86
CA ALA B 214 28.99 -11.63 -21.12
C ALA B 214 27.77 -11.75 -20.18
N TYR B 215 27.98 -11.37 -18.92
CA TYR B 215 26.91 -11.32 -17.93
C TYR B 215 25.86 -10.29 -18.30
N MET B 216 26.35 -9.14 -18.77
CA MET B 216 25.50 -8.06 -19.23
C MET B 216 24.55 -8.60 -20.29
N VAL B 217 25.10 -9.29 -21.27
CA VAL B 217 24.34 -9.84 -22.38
C VAL B 217 23.34 -10.89 -21.85
N SER B 218 23.81 -11.73 -20.94
CA SER B 218 22.93 -12.73 -20.37
C SER B 218 21.77 -12.07 -19.61
N TYR B 219 22.05 -10.99 -18.87
CA TYR B 219 21.00 -10.26 -18.16
C TYR B 219 20.00 -9.59 -19.10
N GLN B 220 20.49 -8.92 -20.15
CA GLN B 220 19.61 -8.28 -21.11
C GLN B 220 18.66 -9.30 -21.71
N GLN B 221 19.21 -10.43 -22.16
CA GLN B 221 18.37 -11.45 -22.76
C GLN B 221 17.33 -11.98 -21.78
N ALA B 222 17.73 -12.20 -20.53
CA ALA B 222 16.79 -12.65 -19.50
C ALA B 222 15.68 -11.62 -19.26
N ILE B 223 16.00 -10.34 -19.27
CA ILE B 223 14.97 -9.33 -19.05
C ILE B 223 13.96 -9.29 -20.20
N HIS B 224 14.43 -9.46 -21.44
CA HIS B 224 13.53 -9.55 -22.58
C HIS B 224 12.56 -10.71 -22.39
N ALA B 225 13.11 -11.86 -22.05
CA ALA B 225 12.31 -13.06 -21.84
C ALA B 225 11.34 -12.93 -20.67
N ILE B 226 11.84 -12.47 -19.52
CA ILE B 226 11.01 -12.30 -18.34
C ILE B 226 9.93 -11.25 -18.58
N GLY B 227 10.32 -10.13 -19.20
CA GLY B 227 9.39 -9.06 -19.50
C GLY B 227 8.24 -9.55 -20.37
N LYS B 228 8.58 -10.35 -21.36
CA LYS B 228 7.58 -10.87 -22.30
C LYS B 228 6.61 -11.82 -21.57
N ALA B 229 7.16 -12.71 -20.75
CA ALA B 229 6.35 -13.62 -19.95
C ALA B 229 5.50 -12.87 -18.92
N SER B 230 6.07 -11.82 -18.32
CA SER B 230 5.32 -11.03 -17.37
C SER B 230 4.03 -10.54 -18.01
N ASN B 231 4.13 -10.07 -19.25
CA ASN B 231 2.97 -9.67 -20.03
C ASN B 231 2.14 -8.60 -19.29
N GLY B 232 2.83 -7.59 -18.73
CA GLY B 232 2.15 -6.49 -18.07
C GLY B 232 1.64 -6.76 -16.65
N ARG B 233 2.02 -7.88 -16.05
CA ARG B 233 1.64 -8.13 -14.66
C ARG B 233 2.21 -7.09 -13.69
N GLY B 234 3.29 -6.42 -14.07
CA GLY B 234 3.85 -5.36 -13.26
C GLY B 234 4.81 -5.82 -12.17
N ILE B 235 5.29 -4.88 -11.36
CA ILE B 235 6.38 -5.16 -10.44
C ILE B 235 6.01 -6.01 -9.21
N TYR B 236 4.74 -6.00 -8.81
CA TYR B 236 4.34 -6.80 -7.64
C TYR B 236 3.91 -8.23 -7.99
N GLU B 237 3.02 -8.36 -8.96
CA GLU B 237 2.43 -9.66 -9.28
C GLU B 237 3.25 -10.47 -10.30
N GLY B 238 4.03 -9.76 -11.12
CA GLY B 238 4.80 -10.40 -12.16
C GLY B 238 6.19 -10.80 -11.68
N PRO B 239 6.88 -11.64 -12.46
CA PRO B 239 8.25 -12.02 -12.08
C PRO B 239 9.20 -10.84 -12.23
N GLY B 240 10.37 -10.93 -11.60
CA GLY B 240 11.36 -9.89 -11.75
C GLY B 240 12.76 -10.46 -11.99
N ILE B 241 13.74 -9.57 -12.10
CA ILE B 241 15.12 -10.00 -12.25
C ILE B 241 15.92 -9.65 -10.99
N SER B 242 16.92 -10.46 -10.70
CA SER B 242 17.86 -10.20 -9.62
C SER B 242 19.29 -10.20 -10.20
N ILE B 243 20.06 -9.15 -9.95
CA ILE B 243 21.42 -9.09 -10.48
C ILE B 243 22.47 -9.06 -9.39
C21 LYX B 244 21.97 -13.27 -3.37
C22 LYX B 244 20.82 -13.62 -2.80
C23 LYX B 244 22.41 -13.75 -4.70
NZ LYX B 244 23.52 -13.39 -5.23
CE LYX B 244 23.91 -13.91 -6.55
CD LYX B 244 24.96 -12.98 -7.18
CG LYX B 244 24.37 -11.69 -7.80
CB LYX B 244 25.40 -10.81 -8.52
CA LYX B 244 24.82 -9.41 -8.79
N LYX B 244 23.68 -9.46 -9.74
C LYX B 244 25.81 -8.43 -9.35
O LYX B 244 26.20 -8.49 -10.52
N LEU B 245 26.18 -7.46 -8.52
CA LEU B 245 27.10 -6.42 -8.94
C LEU B 245 28.47 -7.02 -9.28
N SER B 246 28.89 -8.01 -8.52
CA SER B 246 30.13 -8.73 -8.82
C SER B 246 30.13 -9.43 -10.18
N ALA B 247 28.95 -9.59 -10.78
CA ALA B 247 28.89 -10.17 -12.13
C ALA B 247 29.12 -9.11 -13.19
N LEU B 248 29.00 -7.84 -12.82
CA LEU B 248 28.93 -6.78 -13.82
C LEU B 248 30.19 -5.92 -13.90
N HIS B 249 31.18 -6.26 -13.10
CA HIS B 249 32.45 -5.53 -13.08
C HIS B 249 33.62 -6.45 -12.72
N PRO B 250 34.73 -6.36 -13.48
CA PRO B 250 35.89 -7.23 -13.25
C PRO B 250 36.42 -7.10 -11.81
N ARG B 251 36.57 -8.24 -11.12
CA ARG B 251 37.11 -8.26 -9.76
C ARG B 251 36.48 -7.20 -8.85
N TYR B 252 35.16 -7.14 -8.87
CA TYR B 252 34.41 -6.14 -8.11
C TYR B 252 34.79 -6.09 -6.62
N SER B 253 35.05 -7.25 -6.03
CA SER B 253 35.34 -7.35 -4.60
C SER B 253 36.49 -6.46 -4.15
N ARG B 254 37.39 -6.15 -5.09
CA ARG B 254 38.56 -5.35 -4.77
C ARG B 254 38.69 -4.14 -5.69
N ALA B 255 37.64 -3.85 -6.46
CA ALA B 255 37.68 -2.73 -7.41
C ALA B 255 37.53 -1.37 -6.74
N GLN B 256 38.10 -0.35 -7.38
CA GLN B 256 38.08 1.03 -6.88
C GLN B 256 36.83 1.81 -7.32
N TYR B 257 36.41 2.74 -6.45
CA TYR B 257 35.20 3.54 -6.62
C TYR B 257 35.07 4.21 -7.97
N ASP B 258 36.15 4.84 -8.45
CA ASP B 258 36.12 5.58 -9.71
C ASP B 258 35.86 4.69 -10.93
N ARG B 259 36.44 3.49 -10.93
CA ARG B 259 36.28 2.59 -12.07
C ARG B 259 34.87 1.98 -12.04
N VAL B 260 34.40 1.68 -10.83
CA VAL B 260 33.06 1.15 -10.68
C VAL B 260 32.03 2.16 -11.20
N MET B 261 32.14 3.41 -10.78
CA MET B 261 31.18 4.43 -11.22
C MET B 261 31.25 4.64 -12.73
N GLU B 262 32.46 4.65 -13.26
CA GLU B 262 32.65 4.86 -14.67
C GLU B 262 32.18 3.69 -15.56
N GLU B 263 32.37 2.47 -15.09
CA GLU B 263 32.15 1.29 -15.95
C GLU B 263 30.94 0.45 -15.56
N LEU B 264 30.77 0.21 -14.27
CA LEU B 264 29.64 -0.57 -13.79
C LEU B 264 28.32 0.24 -13.85
N TYR B 265 28.34 1.48 -13.35
CA TYR B 265 27.10 2.25 -13.31
C TYR B 265 26.28 2.22 -14.61
N PRO B 266 26.90 2.58 -15.76
CA PRO B 266 26.14 2.59 -17.03
C PRO B 266 25.47 1.25 -17.38
N ARG B 267 26.10 0.15 -17.02
CA ARG B 267 25.47 -1.17 -17.15
C ARG B 267 24.23 -1.26 -16.27
N LEU B 268 24.37 -0.85 -15.01
CA LEU B 268 23.26 -0.92 -14.09
C LEU B 268 22.08 -0.07 -14.60
N LYS B 269 22.37 1.16 -15.02
CA LYS B 269 21.35 2.05 -15.55
C LYS B 269 20.64 1.42 -16.76
N SER B 270 21.43 0.91 -17.70
CA SER B 270 20.87 0.28 -18.90
C SER B 270 19.95 -0.92 -18.57
N LEU B 271 20.37 -1.77 -17.65
CA LEU B 271 19.54 -2.91 -17.24
C LEU B 271 18.25 -2.46 -16.56
N THR B 272 18.37 -1.46 -15.70
CA THR B 272 17.23 -0.97 -14.95
C THR B 272 16.18 -0.41 -15.91
N LEU B 273 16.65 0.34 -16.90
CA LEU B 273 15.77 0.93 -17.92
C LEU B 273 15.09 -0.14 -18.77
N LEU B 274 15.83 -1.20 -19.09
CA LEU B 274 15.22 -2.31 -19.80
C LEU B 274 14.13 -2.93 -18.93
N ALA B 275 14.40 -3.11 -17.65
CA ALA B 275 13.40 -3.68 -16.74
C ALA B 275 12.16 -2.78 -16.67
N ARG B 276 12.38 -1.47 -16.62
CA ARG B 276 11.29 -0.51 -16.59
C ARG B 276 10.45 -0.59 -17.86
N GLN B 277 11.10 -0.79 -19.00
CA GLN B 277 10.40 -0.91 -20.28
C GLN B 277 9.34 -2.03 -20.24
N TYR B 278 9.62 -3.11 -19.53
CA TYR B 278 8.67 -4.20 -19.40
C TYR B 278 7.92 -4.15 -18.07
N ASP B 279 8.20 -3.15 -17.25
CA ASP B 279 7.58 -3.06 -15.93
C ASP B 279 7.75 -4.31 -15.06
N ILE B 280 8.99 -4.77 -14.92
CA ILE B 280 9.32 -5.86 -14.00
C ILE B 280 10.27 -5.34 -12.91
N GLY B 281 10.21 -5.94 -11.72
CA GLY B 281 11.12 -5.52 -10.66
C GLY B 281 12.55 -5.91 -10.98
N ILE B 282 13.49 -5.04 -10.64
CA ILE B 282 14.91 -5.37 -10.78
C ILE B 282 15.61 -5.18 -9.44
N ASN B 283 16.18 -6.26 -8.93
CA ASN B 283 16.77 -6.29 -7.59
C ASN B 283 18.29 -6.31 -7.59
N ILE B 284 18.89 -5.44 -6.78
CA ILE B 284 20.34 -5.39 -6.63
C ILE B 284 20.72 -6.18 -5.39
N ASP B 285 21.62 -7.14 -5.57
N ASP B 285 21.54 -7.21 -5.55
CA ASP B 285 22.06 -8.03 -4.50
CA ASP B 285 21.87 -8.08 -4.41
C ASP B 285 22.88 -7.29 -3.45
C ASP B 285 22.93 -7.39 -3.52
N ALA B 286 23.13 -7.93 -2.32
CA ALA B 286 24.09 -7.38 -1.36
C ALA B 286 25.23 -8.38 -1.13
N GLU B 287 26.44 -7.87 -1.03
CA GLU B 287 27.62 -8.72 -0.94
C GLU B 287 28.43 -8.46 0.35
N GLU B 288 29.75 -8.57 0.27
CA GLU B 288 30.60 -8.32 1.44
C GLU B 288 30.40 -6.91 1.96
N SER B 289 30.78 -6.70 3.21
CA SER B 289 30.48 -5.45 3.90
C SER B 289 31.26 -4.26 3.37
N ASP B 290 32.45 -4.50 2.82
CA ASP B 290 33.22 -3.38 2.27
C ASP B 290 32.75 -2.95 0.88
N ARG B 291 31.71 -3.61 0.36
CA ARG B 291 31.05 -3.20 -0.88
C ARG B 291 29.81 -2.34 -0.65
N LEU B 292 29.35 -2.25 0.61
CA LEU B 292 28.10 -1.57 0.91
C LEU B 292 28.04 -0.12 0.42
N GLU B 293 29.00 0.69 0.86
CA GLU B 293 29.05 2.11 0.49
C GLU B 293 29.07 2.32 -1.02
N ILE B 294 29.86 1.54 -1.75
CA ILE B 294 29.86 1.61 -3.21
C ILE B 294 28.45 1.34 -3.76
N SER B 295 27.83 0.25 -3.29
CA SER B 295 26.50 -0.11 -3.76
C SER B 295 25.47 0.98 -3.47
N LEU B 296 25.62 1.69 -2.35
CA LEU B 296 24.68 2.75 -1.97
C LEU B 296 24.78 3.95 -2.92
N ASP B 297 26.00 4.32 -3.30
CA ASP B 297 26.22 5.37 -4.30
C ASP B 297 25.68 5.00 -5.67
N LEU B 298 25.85 3.74 -6.06
CA LEU B 298 25.22 3.25 -7.28
C LEU B 298 23.70 3.44 -7.19
N LEU B 299 23.13 3.10 -6.05
CA LEU B 299 21.68 3.22 -5.85
C LEU B 299 21.21 4.69 -5.84
N GLU B 300 21.93 5.54 -5.12
CA GLU B 300 21.60 6.97 -5.05
C GLU B 300 21.50 7.53 -6.47
N LYS B 301 22.56 7.34 -7.26
CA LYS B 301 22.61 7.85 -8.63
C LYS B 301 21.48 7.25 -9.49
N LEU B 302 21.32 5.93 -9.46
CA LEU B 302 20.24 5.27 -10.19
C LEU B 302 18.89 5.90 -9.89
N CYS B 303 18.65 6.23 -8.63
CA CYS B 303 17.35 6.74 -8.21
C CYS B 303 17.01 8.13 -8.74
N PHE B 304 18.01 8.86 -9.20
CA PHE B 304 17.80 10.19 -9.73
C PHE B 304 17.95 10.23 -11.24
N GLU B 305 17.92 9.07 -11.89
CA GLU B 305 17.81 9.06 -13.35
C GLU B 305 16.42 9.56 -13.76
N PRO B 306 16.37 10.60 -14.60
CA PRO B 306 15.12 11.17 -15.10
C PRO B 306 14.24 10.12 -15.79
N GLU B 307 14.86 9.19 -16.51
CA GLU B 307 14.12 8.18 -17.25
C GLU B 307 13.44 7.18 -16.29
N LEU B 308 13.85 7.23 -15.02
CA LEU B 308 13.29 6.33 -14.00
C LEU B 308 12.29 7.03 -13.09
N ALA B 309 12.10 8.34 -13.31
CA ALA B 309 11.18 9.12 -12.48
C ALA B 309 9.81 8.44 -12.43
N GLY B 310 9.26 8.32 -11.24
CA GLY B 310 7.93 7.75 -11.09
C GLY B 310 7.83 6.23 -11.19
N TRP B 311 8.96 5.55 -11.39
CA TRP B 311 8.94 4.09 -11.44
C TRP B 311 9.48 3.47 -10.14
N ASN B 312 8.77 2.48 -9.62
CA ASN B 312 9.03 1.96 -8.29
C ASN B 312 9.59 0.53 -8.32
N GLY B 313 10.12 0.13 -9.47
CA GLY B 313 10.57 -1.22 -9.66
C GLY B 313 12.00 -1.50 -9.22
N ILE B 314 12.67 -0.49 -8.71
CA ILE B 314 14.06 -0.63 -8.26
C ILE B 314 14.12 -1.34 -6.92
N GLY B 315 14.89 -2.42 -6.87
CA GLY B 315 14.98 -3.24 -5.66
C GLY B 315 16.39 -3.30 -5.13
N PHE B 316 16.51 -3.49 -3.82
CA PHE B 316 17.81 -3.44 -3.15
C PHE B 316 17.83 -4.36 -1.95
N VAL B 317 18.92 -5.10 -1.79
CA VAL B 317 19.07 -5.97 -0.63
C VAL B 317 19.80 -5.27 0.52
N ILE B 318 19.27 -5.42 1.73
CA ILE B 318 20.04 -5.10 2.94
C ILE B 318 20.15 -6.32 3.85
N GLN B 319 21.29 -6.45 4.55
CA GLN B 319 21.59 -7.59 5.42
C GLN B 319 21.47 -7.28 6.93
N ALA B 320 20.60 -8.01 7.62
CA ALA B 320 20.30 -7.74 9.02
C ALA B 320 21.48 -8.01 9.94
N TYR B 321 22.41 -8.85 9.51
CA TYR B 321 23.53 -9.20 10.39
C TYR B 321 24.59 -8.09 10.51
N GLN B 322 24.47 -7.06 9.68
CA GLN B 322 25.37 -5.92 9.76
C GLN B 322 24.91 -4.95 10.83
N LYS B 323 25.85 -4.41 11.60
CA LYS B 323 25.49 -3.44 12.62
C LYS B 323 24.97 -2.16 11.97
N ARG B 324 25.40 -1.90 10.74
CA ARG B 324 24.94 -0.71 10.01
C ARG B 324 23.48 -0.78 9.55
N CYS B 325 22.85 -1.95 9.64
CA CYS B 325 21.56 -2.16 8.95
C CYS B 325 20.45 -1.13 9.24
N PRO B 326 20.21 -0.82 10.53
CA PRO B 326 19.18 0.20 10.86
C PRO B 326 19.47 1.57 10.25
N LEU B 327 20.75 1.97 10.26
CA LEU B 327 21.13 3.25 9.69
C LEU B 327 20.99 3.24 8.17
N VAL B 328 21.31 2.12 7.55
CA VAL B 328 21.08 1.95 6.13
C VAL B 328 19.59 2.14 5.83
N ILE B 329 18.73 1.52 6.63
CA ILE B 329 17.29 1.69 6.49
C ILE B 329 16.88 3.17 6.59
N ASP B 330 17.44 3.90 7.56
CA ASP B 330 17.17 5.34 7.67
C ASP B 330 17.56 6.08 6.39
N TYR B 331 18.70 5.69 5.81
CA TYR B 331 19.14 6.30 4.55
C TYR B 331 18.20 5.92 3.39
N LEU B 332 17.80 4.65 3.32
CA LEU B 332 16.88 4.20 2.27
C LEU B 332 15.52 4.92 2.34
N ILE B 333 15.04 5.20 3.54
CA ILE B 333 13.79 5.94 3.72
C ILE B 333 13.94 7.40 3.22
N ASP B 334 15.05 8.01 3.61
CA ASP B 334 15.45 9.33 3.15
C ASP B 334 15.53 9.39 1.63
N LEU B 335 16.16 8.39 1.04
CA LEU B 335 16.33 8.31 -0.42
C LEU B 335 15.00 8.11 -1.16
N ALA B 336 14.13 7.26 -0.62
CA ALA B 336 12.81 7.06 -1.22
C ALA B 336 12.05 8.40 -1.22
N THR B 337 12.21 9.15 -0.13
CA THR B 337 11.56 10.46 -0.01
C THR B 337 12.14 11.44 -1.03
N ARG B 338 13.46 11.60 -1.02
CA ARG B 338 14.08 12.60 -1.91
C ARG B 338 13.91 12.25 -3.39
N SER B 339 13.92 10.95 -3.72
CA SER B 339 13.76 10.54 -5.11
C SER B 339 12.30 10.31 -5.50
N ARG B 340 11.38 10.48 -4.56
CA ARG B 340 9.95 10.33 -4.83
C ARG B 340 9.58 8.97 -5.43
N ARG B 341 9.90 7.91 -4.71
CA ARG B 341 9.50 6.59 -5.16
C ARG B 341 9.25 5.68 -3.97
N ARG B 342 8.75 4.50 -4.28
CA ARG B 342 8.68 3.45 -3.29
C ARG B 342 9.79 2.47 -3.62
N LEU B 343 10.66 2.19 -2.67
CA LEU B 343 11.76 1.27 -2.90
C LEU B 343 11.34 -0.15 -2.53
N MET B 344 11.67 -1.11 -3.39
CA MET B 344 11.48 -2.52 -3.05
C MET B 344 12.73 -2.99 -2.32
N ILE B 345 12.56 -3.32 -1.05
CA ILE B 345 13.71 -3.62 -0.20
C ILE B 345 13.67 -5.09 0.25
N ARG B 346 14.66 -5.87 -0.21
CA ARG B 346 14.77 -7.25 0.23
C ARG B 346 15.62 -7.35 1.49
N LEU B 347 14.97 -7.71 2.59
CA LEU B 347 15.65 -7.86 3.86
C LEU B 347 16.06 -9.34 4.03
N VAL B 348 17.36 -9.59 4.08
CA VAL B 348 17.90 -10.92 4.32
C VAL B 348 18.72 -10.84 5.58
N LYS B 349 19.13 -11.99 6.10
CA LYS B 349 19.99 -11.96 7.28
C LYS B 349 21.45 -11.71 6.93
N GLY B 350 21.91 -12.27 5.80
CA GLY B 350 23.26 -12.08 5.31
C GLY B 350 23.95 -13.41 5.02
N ALA B 351 24.59 -13.53 3.86
CA ALA B 351 25.10 -14.83 3.40
C ALA B 351 26.59 -15.06 3.62
N TYR B 352 27.30 -14.07 4.15
CA TYR B 352 28.76 -14.08 4.15
C TYR B 352 29.38 -14.05 5.54
N TRP B 353 28.67 -14.57 6.54
CA TRP B 353 29.12 -14.48 7.93
C TRP B 353 30.55 -15.00 8.17
N ASP B 354 30.83 -16.22 7.73
CA ASP B 354 32.16 -16.78 7.92
C ASP B 354 33.27 -15.87 7.38
N SER B 355 33.09 -15.38 6.15
CA SER B 355 34.13 -14.56 5.54
C SER B 355 34.23 -13.16 6.17
N GLU B 356 33.11 -12.63 6.65
CA GLU B 356 33.14 -11.35 7.35
C GLU B 356 34.00 -11.47 8.62
N ILE B 357 33.84 -12.58 9.33
CA ILE B 357 34.61 -12.80 10.56
C ILE B 357 36.10 -12.96 10.22
N LYS B 358 36.41 -13.89 9.32
CA LYS B 358 37.80 -14.12 8.89
C LYS B 358 38.48 -12.83 8.40
N ARG B 359 37.79 -12.09 7.54
CA ARG B 359 38.38 -10.88 6.97
C ARG B 359 38.78 -9.86 8.04
N ALA B 360 37.92 -9.67 9.04
CA ALA B 360 38.18 -8.71 10.11
C ALA B 360 39.34 -9.15 11.01
N GLN B 361 39.51 -10.45 11.19
CA GLN B 361 40.63 -10.94 11.98
C GLN B 361 41.94 -10.74 11.22
N MET B 362 41.96 -11.10 9.94
CA MET B 362 43.16 -10.97 9.12
C MET B 362 43.61 -9.51 8.98
N ASP B 363 42.66 -8.59 9.06
CA ASP B 363 42.95 -7.16 8.89
C ASP B 363 43.22 -6.47 10.23
N GLY B 364 43.03 -7.19 11.33
CA GLY B 364 43.22 -6.63 12.65
C GLY B 364 42.34 -5.41 12.95
N LEU B 365 41.07 -5.48 12.53
CA LEU B 365 40.15 -4.37 12.73
C LEU B 365 39.77 -4.17 14.19
N GLU B 366 39.19 -3.01 14.48
CA GLU B 366 38.77 -2.67 15.84
C GLU B 366 37.58 -3.52 16.32
N GLY B 367 36.87 -4.12 15.36
CA GLY B 367 35.69 -4.91 15.67
C GLY B 367 35.15 -5.57 14.42
N TYR B 368 33.96 -6.15 14.54
CA TYR B 368 33.32 -6.82 13.41
C TYR B 368 32.20 -5.95 12.83
N PRO B 369 31.94 -6.07 11.51
CA PRO B 369 30.82 -5.37 10.88
C PRO B 369 29.52 -6.12 11.12
N VAL B 370 29.62 -7.35 11.62
CA VAL B 370 28.43 -8.16 11.90
C VAL B 370 28.43 -8.66 13.33
N TYR B 371 27.28 -9.16 13.77
CA TYR B 371 27.14 -9.81 15.07
C TYR B 371 27.85 -11.14 15.07
N THR B 372 28.18 -11.64 16.25
CA THR B 372 28.91 -12.89 16.38
C THR B 372 28.05 -14.01 16.95
N ARG B 373 26.85 -13.66 17.43
CA ARG B 373 25.88 -14.66 17.85
C ARG B 373 24.63 -14.58 16.98
N LYS B 374 24.13 -15.75 16.60
CA LYS B 374 23.04 -15.86 15.62
C LYS B 374 21.79 -15.14 16.13
N VAL B 375 21.54 -15.28 17.42
CA VAL B 375 20.36 -14.70 18.04
C VAL B 375 20.33 -13.17 17.92
N TYR B 376 21.51 -12.54 17.91
CA TYR B 376 21.61 -11.08 17.71
C TYR B 376 21.17 -10.69 16.29
N THR B 377 21.58 -11.47 15.30
CA THR B 377 21.11 -11.27 13.94
C THR B 377 19.58 -11.38 13.84
N ASP B 378 19.00 -12.34 14.55
CA ASP B 378 17.54 -12.52 14.57
C ASP B 378 16.84 -11.29 15.19
N VAL B 379 17.42 -10.79 16.26
CA VAL B 379 16.95 -9.56 16.87
C VAL B 379 17.01 -8.42 15.85
N SER B 380 18.17 -8.26 15.23
CA SER B 380 18.33 -7.21 14.23
C SER B 380 17.26 -7.32 13.13
N TYR B 381 17.07 -8.52 12.60
CA TYR B 381 16.12 -8.74 11.51
C TYR B 381 14.72 -8.25 11.88
N LEU B 382 14.28 -8.59 13.09
CA LEU B 382 12.95 -8.21 13.56
C LEU B 382 12.83 -6.71 13.79
N ALA B 383 13.85 -6.09 14.37
CA ALA B 383 13.81 -4.64 14.58
C ALA B 383 13.80 -3.93 13.23
N CYS B 384 14.58 -4.45 12.30
CA CYS B 384 14.65 -3.89 10.95
C CYS B 384 13.33 -4.06 10.18
N ALA B 385 12.65 -5.19 10.39
CA ALA B 385 11.38 -5.45 9.70
C ALA B 385 10.27 -4.49 10.14
N LYS B 386 10.23 -4.19 11.45
CA LYS B 386 9.29 -3.22 11.99
C LYS B 386 9.53 -1.84 11.37
N LYS B 387 10.80 -1.45 11.26
CA LYS B 387 11.16 -0.17 10.63
C LYS B 387 10.67 -0.09 9.19
N LEU B 388 10.89 -1.16 8.43
CA LEU B 388 10.41 -1.22 7.05
C LEU B 388 8.88 -1.12 6.99
N LEU B 389 8.21 -1.92 7.82
CA LEU B 389 6.74 -2.00 7.82
C LEU B 389 6.04 -0.69 8.20
N ALA B 390 6.75 0.18 8.92
CA ALA B 390 6.17 1.43 9.39
C ALA B 390 6.02 2.47 8.28
N VAL B 391 6.71 2.28 7.15
CA VAL B 391 6.68 3.28 6.08
C VAL B 391 6.25 2.72 4.72
N PRO B 392 5.01 2.21 4.64
CA PRO B 392 4.43 1.59 3.45
C PRO B 392 4.48 2.51 2.23
N ASN B 393 4.43 3.81 2.46
CA ASN B 393 4.49 4.76 1.35
C ASN B 393 5.87 4.84 0.68
N LEU B 394 6.91 4.45 1.41
CA LEU B 394 8.30 4.64 0.95
C LEU B 394 9.00 3.32 0.62
N ILE B 395 8.46 2.23 1.18
CA ILE B 395 9.11 0.92 1.08
C ILE B 395 8.11 -0.22 0.89
N TYR B 396 8.44 -1.12 -0.03
CA TYR B 396 7.75 -2.40 -0.18
C TYR B 396 8.67 -3.47 0.35
N PRO B 397 8.44 -3.93 1.59
CA PRO B 397 9.39 -4.86 2.20
C PRO B 397 9.26 -6.27 1.63
N GLN B 398 10.40 -6.92 1.41
CA GLN B 398 10.43 -8.29 0.90
C GLN B 398 11.24 -9.12 1.86
N PHE B 399 10.54 -9.92 2.67
CA PHE B 399 11.17 -10.59 3.79
C PHE B 399 11.70 -11.96 3.38
N ALA B 400 12.98 -11.99 3.03
CA ALA B 400 13.66 -13.19 2.59
C ALA B 400 14.10 -14.03 3.78
N THR B 401 13.45 -15.18 3.98
CA THR B 401 13.77 -16.03 5.11
C THR B 401 13.13 -17.40 4.99
N HIS B 402 13.81 -18.42 5.55
CA HIS B 402 13.29 -19.79 5.58
C HIS B 402 13.03 -20.22 7.02
N ASN B 403 13.14 -19.26 7.93
CA ASN B 403 12.97 -19.53 9.36
C ASN B 403 11.50 -19.38 9.75
N ALA B 404 10.93 -20.42 10.33
CA ALA B 404 9.50 -20.45 10.65
C ALA B 404 9.06 -19.39 11.68
N HIS B 405 9.91 -19.11 12.67
CA HIS B 405 9.59 -18.05 13.62
C HIS B 405 9.64 -16.65 13.02
N THR B 406 10.67 -16.41 12.19
CA THR B 406 10.84 -15.11 11.54
C THR B 406 9.61 -14.79 10.67
N LEU B 407 9.22 -15.76 9.85
CA LEU B 407 8.01 -15.65 9.04
C LEU B 407 6.77 -15.34 9.89
N ALA B 408 6.53 -16.16 10.91
CA ALA B 408 5.36 -15.99 11.79
C ALA B 408 5.35 -14.63 12.48
N ALA B 409 6.51 -14.23 12.98
CA ALA B 409 6.67 -12.93 13.61
C ALA B 409 6.32 -11.79 12.65
N ILE B 410 6.88 -11.83 11.45
CA ILE B 410 6.62 -10.79 10.45
C ILE B 410 5.14 -10.80 10.08
N TYR B 411 4.61 -11.99 9.87
CA TYR B 411 3.19 -12.16 9.61
C TYR B 411 2.33 -11.37 10.61
N GLN B 412 2.65 -11.51 11.90
CA GLN B 412 1.88 -10.84 12.95
C GLN B 412 2.18 -9.34 13.03
N LEU B 413 3.47 -8.99 12.96
CA LEU B 413 3.94 -7.61 12.95
C LEU B 413 3.36 -6.72 11.84
N ALA B 414 3.06 -7.32 10.69
CA ALA B 414 2.48 -6.57 9.58
C ALA B 414 1.03 -6.17 9.86
N GLY B 415 0.44 -6.73 10.91
CA GLY B 415 -0.84 -6.26 11.38
C GLY B 415 -2.05 -6.77 10.61
N GLN B 416 -3.20 -6.25 11.00
CA GLN B 416 -4.47 -6.62 10.39
C GLN B 416 -4.64 -5.91 9.03
N ASN B 417 -5.48 -6.48 8.18
CA ASN B 417 -5.85 -5.85 6.92
C ASN B 417 -4.75 -5.87 5.87
N TYR B 418 -4.13 -7.03 5.69
CA TYR B 418 -3.17 -7.22 4.62
C TYR B 418 -3.80 -6.82 3.29
N TYR B 419 -2.98 -6.24 2.42
CA TYR B 419 -3.33 -6.03 1.03
C TYR B 419 -2.09 -6.41 0.21
N PRO B 420 -2.30 -6.94 -1.01
CA PRO B 420 -1.22 -7.46 -1.86
C PRO B 420 0.06 -6.59 -1.92
N GLY B 421 -0.10 -5.29 -2.12
CA GLY B 421 1.05 -4.40 -2.19
C GLY B 421 1.69 -3.98 -0.87
N GLN B 422 1.24 -4.55 0.25
CA GLN B 422 1.82 -4.20 1.55
C GLN B 422 3.23 -4.78 1.75
N TYR B 423 3.38 -6.07 1.52
CA TYR B 423 4.67 -6.73 1.59
C TYR B 423 4.60 -8.12 0.96
N GLU B 424 5.74 -8.78 0.88
CA GLU B 424 5.80 -10.17 0.43
C GLU B 424 6.92 -10.88 1.19
N PHE B 425 6.81 -12.20 1.26
CA PHE B 425 7.90 -13.05 1.72
C PHE B 425 8.72 -13.45 0.50
N GLN B 426 9.93 -13.91 0.75
CA GLN B 426 10.76 -14.46 -0.32
C GLN B 426 11.53 -15.67 0.20
N CYS B 427 11.96 -16.52 -0.73
CA CYS B 427 12.71 -17.72 -0.35
C CYS B 427 13.57 -18.15 -1.52
N LEU B 428 14.57 -19.00 -1.24
CA LEU B 428 15.41 -19.59 -2.28
C LEU B 428 14.76 -20.84 -2.87
N HIS B 429 14.80 -20.99 -4.18
CA HIS B 429 14.28 -22.18 -4.83
C HIS B 429 14.96 -23.41 -4.26
N GLY B 430 14.17 -24.41 -3.89
CA GLY B 430 14.71 -25.65 -3.36
C GLY B 430 14.75 -25.67 -1.84
N MET B 431 14.77 -24.50 -1.22
CA MET B 431 14.83 -24.45 0.24
C MET B 431 13.52 -24.03 0.91
N GLY B 432 12.77 -23.12 0.28
CA GLY B 432 11.63 -22.53 0.94
C GLY B 432 10.24 -23.04 0.57
N GLU B 433 10.12 -23.77 -0.54
CA GLU B 433 8.79 -24.20 -0.98
C GLU B 433 8.02 -24.99 0.07
N PRO B 434 8.69 -25.96 0.72
CA PRO B 434 7.93 -26.74 1.71
C PRO B 434 7.39 -25.88 2.84
N LEU B 435 8.12 -24.83 3.24
CA LEU B 435 7.62 -23.92 4.25
C LEU B 435 6.47 -23.07 3.71
N TYR B 436 6.72 -22.41 2.58
CA TYR B 436 5.77 -21.44 2.02
C TYR B 436 4.52 -22.04 1.36
N GLU B 437 4.56 -23.33 1.03
CA GLU B 437 3.37 -24.02 0.57
C GLU B 437 2.27 -23.89 1.61
N GLN B 438 2.65 -23.66 2.86
CA GLN B 438 1.69 -23.52 3.96
C GLN B 438 1.22 -22.09 4.10
N VAL B 439 1.86 -21.18 3.36
CA VAL B 439 1.73 -19.74 3.59
C VAL B 439 1.05 -19.07 2.39
N THR B 440 1.65 -19.30 1.24
CA THR B 440 1.11 -18.83 -0.03
C THR B 440 -0.04 -19.74 -0.42
N GLY B 441 -1.12 -19.16 -0.93
CA GLY B 441 -2.31 -19.94 -1.21
C GLY B 441 -3.53 -19.47 -0.45
N LYS B 442 -4.65 -20.15 -0.69
CA LYS B 442 -5.94 -19.70 -0.17
C LYS B 442 -6.19 -20.13 1.27
N VAL B 443 -6.87 -19.27 2.01
CA VAL B 443 -7.24 -19.56 3.38
C VAL B 443 -8.16 -20.78 3.47
N ALA B 444 -8.99 -20.96 2.44
CA ALA B 444 -9.93 -22.09 2.42
C ALA B 444 -9.17 -23.41 2.40
N ASP B 445 -7.95 -23.38 1.85
CA ASP B 445 -7.13 -24.58 1.77
C ASP B 445 -6.18 -24.70 2.95
N GLY B 446 -6.41 -23.87 3.97
CA GLY B 446 -5.56 -23.87 5.15
C GLY B 446 -4.28 -23.05 5.00
N LYS B 447 -4.23 -22.20 3.98
CA LYS B 447 -3.06 -21.31 3.81
C LYS B 447 -3.27 -19.95 4.48
N LEU B 448 -2.31 -19.05 4.31
CA LEU B 448 -2.36 -17.74 4.95
C LEU B 448 -2.66 -16.63 3.96
N ASN B 449 -2.69 -16.98 2.67
CA ASN B 449 -2.87 -16.01 1.60
C ASN B 449 -1.83 -14.86 1.61
N ARG B 450 -0.54 -15.20 1.77
CA ARG B 450 0.53 -14.21 1.64
C ARG B 450 1.53 -14.66 0.57
N PRO B 451 1.81 -13.79 -0.41
CA PRO B 451 2.68 -14.17 -1.52
C PRO B 451 4.10 -14.39 -1.05
N CYS B 452 4.77 -15.33 -1.71
CA CYS B 452 6.18 -15.55 -1.52
C CYS B 452 6.83 -15.51 -2.89
N ARG B 453 7.93 -14.75 -3.01
CA ARG B 453 8.67 -14.71 -4.27
C ARG B 453 9.88 -15.64 -4.20
N ILE B 454 9.97 -16.54 -5.16
CA ILE B 454 11.02 -17.52 -5.19
C ILE B 454 12.22 -17.02 -5.99
N TYR B 455 13.38 -17.01 -5.35
CA TYR B 455 14.64 -16.68 -6.00
C TYR B 455 15.09 -17.91 -6.78
N ALA B 456 15.18 -17.79 -8.11
CA ALA B 456 15.37 -18.93 -9.00
C ALA B 456 16.63 -18.77 -9.82
N PRO B 457 17.72 -19.42 -9.39
CA PRO B 457 18.95 -19.40 -10.18
C PRO B 457 18.74 -20.06 -11.54
N VAL B 458 19.24 -19.43 -12.59
CA VAL B 458 19.12 -19.97 -13.94
C VAL B 458 20.52 -20.12 -14.53
N GLY B 459 20.80 -21.31 -15.07
CA GLY B 459 22.08 -21.58 -15.72
C GLY B 459 22.39 -23.07 -15.84
N THR B 460 23.48 -23.42 -16.52
CA THR B 460 23.86 -24.82 -16.67
C THR B 460 24.02 -25.42 -15.28
N HIS B 461 23.40 -26.59 -15.07
CA HIS B 461 23.42 -27.23 -13.76
C HIS B 461 24.83 -27.39 -13.21
N GLU B 462 25.82 -27.45 -14.10
CA GLU B 462 27.21 -27.56 -13.69
C GLU B 462 27.59 -26.39 -12.79
N THR B 463 27.27 -25.19 -13.24
CA THR B 463 27.58 -23.98 -12.48
C THR B 463 26.98 -24.02 -11.08
N LEU B 464 26.34 -25.14 -10.74
CA LEU B 464 25.85 -25.37 -9.39
C LEU B 464 26.99 -25.71 -8.43
N LEU B 465 28.20 -25.27 -8.77
CA LEU B 465 29.32 -25.35 -7.85
C LEU B 465 29.20 -24.19 -6.87
N ALA B 466 28.39 -23.20 -7.24
CA ALA B 466 28.15 -22.04 -6.39
C ALA B 466 27.16 -22.35 -5.27
N TYR B 467 26.04 -22.96 -5.61
CA TYR B 467 25.06 -23.37 -4.61
C TYR B 467 25.76 -24.22 -3.55
N LEU B 468 26.69 -25.05 -4.01
CA LEU B 468 27.50 -25.87 -3.12
C LEU B 468 28.33 -25.00 -2.19
N VAL B 469 29.27 -24.26 -2.78
CA VAL B 469 30.20 -23.44 -2.01
C VAL B 469 29.50 -22.35 -1.20
N ARG B 470 28.19 -22.22 -1.36
CA ARG B 470 27.42 -21.22 -0.63
C ARG B 470 26.25 -21.85 0.14
N GLY B 476 27.24 -23.45 6.60
CA GLY B 476 26.82 -23.74 7.96
C GLY B 476 26.04 -22.58 8.57
N ALA B 477 26.62 -21.39 8.52
CA ALA B 477 25.95 -20.20 9.01
C ALA B 477 24.60 -20.00 8.30
N ASN B 478 24.60 -20.19 6.99
CA ASN B 478 23.44 -19.91 6.15
C ASN B 478 22.35 -20.98 6.21
N THR B 479 22.63 -22.07 6.91
CA THR B 479 21.67 -23.17 7.01
C THR B 479 21.30 -23.46 8.47
N SER B 480 21.52 -22.47 9.33
CA SER B 480 21.25 -22.61 10.76
C SER B 480 19.86 -23.19 11.03
N PHE B 481 18.82 -22.53 10.52
CA PHE B 481 17.45 -22.97 10.83
C PHE B 481 17.08 -24.30 10.16
N VAL B 482 17.37 -24.43 8.87
CA VAL B 482 16.93 -25.59 8.12
C VAL B 482 17.48 -26.90 8.69
N ASN B 483 18.72 -26.86 9.19
CA ASN B 483 19.34 -28.03 9.79
C ASN B 483 18.81 -28.31 11.19
N ARG B 484 18.48 -27.23 11.92
CA ARG B 484 17.96 -27.39 13.26
C ARG B 484 16.57 -28.02 13.25
N ILE B 485 15.83 -27.81 12.17
CA ILE B 485 14.50 -28.39 12.06
C ILE B 485 14.59 -29.84 11.55
N ALA B 486 15.74 -30.20 11.00
CA ALA B 486 15.99 -31.57 10.56
C ALA B 486 16.42 -32.42 11.75
N ASP B 487 16.90 -31.75 12.79
CA ASP B 487 17.32 -32.43 14.01
C ASP B 487 16.11 -32.71 14.90
N THR B 488 15.53 -33.90 14.75
CA THR B 488 14.36 -34.29 15.52
C THR B 488 14.68 -34.41 17.01
N SER B 489 15.95 -34.27 17.36
CA SER B 489 16.39 -34.26 18.75
C SER B 489 16.23 -32.86 19.36
N LEU B 490 15.97 -31.88 18.51
CA LEU B 490 15.77 -30.51 18.95
C LEU B 490 14.28 -30.21 19.12
N PRO B 491 13.85 -29.85 20.33
CA PRO B 491 12.45 -29.50 20.58
C PRO B 491 11.99 -28.37 19.69
N LEU B 492 10.72 -28.43 19.26
CA LEU B 492 10.15 -27.39 18.41
C LEU B 492 10.06 -26.06 19.15
N ASP B 493 9.82 -26.11 20.46
CA ASP B 493 9.71 -24.90 21.26
C ASP B 493 11.03 -24.14 21.37
N GLU B 494 12.14 -24.86 21.26
CA GLU B 494 13.46 -24.23 21.28
C GLU B 494 13.79 -23.68 19.89
N LEU B 495 13.22 -24.31 18.88
CA LEU B 495 13.49 -23.95 17.50
C LEU B 495 12.78 -22.65 17.13
N VAL B 496 11.62 -22.41 17.73
CA VAL B 496 10.83 -21.23 17.40
C VAL B 496 10.82 -20.23 18.56
N ALA B 497 11.85 -20.27 19.38
CA ALA B 497 11.96 -19.40 20.54
C ALA B 497 12.12 -17.92 20.16
N ASP B 498 11.47 -17.06 20.93
CA ASP B 498 11.54 -15.63 20.74
C ASP B 498 12.96 -15.11 20.95
N PRO B 499 13.56 -14.51 19.91
CA PRO B 499 14.92 -13.97 19.98
C PRO B 499 15.13 -13.03 21.17
N VAL B 500 14.28 -12.02 21.31
CA VAL B 500 14.39 -11.05 22.39
C VAL B 500 14.47 -11.75 23.76
N THR B 501 13.51 -12.62 24.01
CA THR B 501 13.50 -13.40 25.25
C THR B 501 14.80 -14.17 25.44
N ALA B 502 15.27 -14.81 24.38
CA ALA B 502 16.51 -15.57 24.44
C ALA B 502 17.72 -14.69 24.81
N VAL B 503 17.78 -13.48 24.27
CA VAL B 503 18.87 -12.57 24.62
C VAL B 503 18.84 -12.15 26.10
N GLU B 504 17.64 -11.90 26.62
CA GLU B 504 17.45 -11.56 28.03
C GLU B 504 17.92 -12.70 28.95
N LYS B 505 17.59 -13.93 28.55
CA LYS B 505 18.04 -15.11 29.28
C LYS B 505 19.57 -15.21 29.29
N LEU B 506 20.20 -14.96 28.13
CA LEU B 506 21.66 -14.95 28.04
C LEU B 506 22.26 -13.93 29.00
N ALA B 507 21.75 -12.71 28.94
CA ALA B 507 22.21 -11.64 29.82
C ALA B 507 22.15 -12.08 31.28
N GLN B 508 21.07 -12.78 31.61
CA GLN B 508 20.86 -13.32 32.95
C GLN B 508 22.00 -14.28 33.33
N GLN B 509 22.34 -15.16 32.40
CA GLN B 509 23.36 -16.19 32.65
C GLN B 509 24.78 -15.62 32.65
N GLU B 510 25.01 -14.59 31.83
CA GLU B 510 26.36 -14.09 31.61
C GLU B 510 26.64 -12.79 32.36
N GLY B 511 25.61 -12.22 32.98
CA GLY B 511 25.78 -11.00 33.77
C GLY B 511 25.68 -9.70 33.00
N GLN B 512 25.53 -9.78 31.68
CA GLN B 512 25.42 -8.59 30.84
C GLN B 512 24.77 -8.88 29.49
N THR B 513 23.93 -7.96 29.03
CA THR B 513 23.23 -8.10 27.75
C THR B 513 24.15 -7.90 26.54
N GLY B 514 23.98 -8.75 25.53
CA GLY B 514 24.62 -8.55 24.25
C GLY B 514 26.13 -8.74 24.21
N LEU B 515 26.67 -9.62 25.06
CA LEU B 515 28.08 -9.98 24.99
C LEU B 515 28.38 -10.75 23.71
N PRO B 516 29.57 -10.54 23.13
CA PRO B 516 30.01 -11.28 21.94
C PRO B 516 30.10 -12.79 22.18
N HIS B 517 30.02 -13.57 21.11
CA HIS B 517 30.21 -15.00 21.19
C HIS B 517 31.47 -15.31 22.02
N PRO B 518 31.35 -16.21 23.00
CA PRO B 518 32.50 -16.50 23.85
C PRO B 518 33.68 -17.09 23.08
N LYS B 519 33.41 -17.69 21.92
CA LYS B 519 34.47 -18.31 21.13
C LYS B 519 35.04 -17.39 20.06
N ILE B 520 34.48 -16.19 19.94
CA ILE B 520 34.94 -15.26 18.92
C ILE B 520 35.39 -13.93 19.50
N PRO B 521 36.68 -13.83 19.86
CA PRO B 521 37.28 -12.61 20.40
C PRO B 521 37.45 -11.54 19.33
N LEU B 522 37.63 -10.30 19.76
CA LEU B 522 37.89 -9.20 18.83
C LEU B 522 39.13 -9.51 17.99
N PRO B 523 39.21 -8.93 16.77
CA PRO B 523 40.32 -9.20 15.86
C PRO B 523 41.71 -9.05 16.49
N ARG B 524 41.84 -8.13 17.45
CA ARG B 524 43.14 -7.86 18.06
C ARG B 524 43.39 -8.69 19.33
N ASP B 525 42.70 -9.81 19.45
CA ASP B 525 42.90 -10.73 20.57
C ASP B 525 43.21 -12.15 20.08
PA FDA C . -20.21 15.11 -11.94
O1A FDA C . -21.35 15.46 -12.87
O2A FDA C . -18.79 15.28 -12.44
O5B FDA C . -20.40 15.99 -10.62
C5B FDA C . -21.67 16.45 -10.21
C4B FDA C . -21.43 17.13 -8.89
O4B FDA C . -20.88 18.43 -9.10
C3B FDA C . -22.68 17.35 -8.05
O3B FDA C . -22.98 16.21 -7.25
C2B FDA C . -22.26 18.52 -7.19
O2B FDA C . -21.50 18.04 -6.09
C1B FDA C . -21.32 19.33 -8.08
N9A FDA C . -22.00 20.50 -8.67
C8A FDA C . -23.03 20.49 -9.54
N7A FDA C . -23.36 21.77 -9.86
C5A FDA C . -22.51 22.58 -9.17
C6A FDA C . -22.37 23.96 -9.09
N6A FDA C . -23.18 24.78 -9.80
N1A FDA C . -21.40 24.48 -8.28
C2A FDA C . -20.59 23.67 -7.58
N3A FDA C . -20.72 22.33 -7.64
C4A FDA C . -21.67 21.77 -8.43
N1 FDA C . -22.79 12.33 -1.81
C2 FDA C . -22.67 12.84 -0.58
O2 FDA C . -22.72 14.07 -0.41
N3 FDA C . -22.50 12.03 0.50
C4 FDA C . -22.45 10.70 0.38
O4 FDA C . -22.29 9.98 1.39
C4X FDA C . -22.60 10.12 -0.97
N5 FDA C . -22.73 8.79 -1.19
C5X FDA C . -22.15 8.34 -2.34
C6 FDA C . -21.57 7.07 -2.42
C7 FDA C . -21.02 6.65 -3.63
C7M FDA C . -20.40 5.28 -3.74
C8 FDA C . -21.01 7.49 -4.73
C8M FDA C . -20.42 7.03 -6.04
C9 FDA C . -21.58 8.75 -4.65
C9A FDA C . -22.14 9.17 -3.45
N10 FDA C . -22.58 10.50 -3.33
C10 FDA C . -22.76 11.01 -2.03
C1' FDA C . -23.01 11.27 -4.51
C2' FDA C . -21.90 12.22 -4.96
O2' FDA C . -21.65 13.21 -3.96
C3' FDA C . -22.23 12.90 -6.29
O3' FDA C . -23.47 13.59 -6.16
C4' FDA C . -22.31 11.87 -7.42
O4' FDA C . -21.24 10.93 -7.30
C5' FDA C . -22.21 12.50 -8.81
O5' FDA C . -20.96 13.17 -9.03
P FDA C . -19.99 12.72 -10.24
O1P FDA C . -18.57 13.11 -9.89
O2P FDA C . -20.28 11.30 -10.61
O3P FDA C . -20.49 13.56 -11.53
PA FDA D . 18.20 -18.52 9.71
O1A FDA D . 18.87 -19.80 10.11
O2A FDA D . 17.11 -17.95 10.60
O5B FDA D . 19.39 -17.44 9.60
C5B FDA D . 20.68 -17.82 9.18
C4B FDA D . 21.50 -16.55 9.15
O4B FDA D . 21.87 -16.17 10.48
C3B FDA D . 22.82 -16.66 8.41
O3B FDA D . 22.65 -16.50 7.00
C2B FDA D . 23.60 -15.51 9.02
O2B FDA D . 23.24 -14.29 8.36
C1B FDA D . 23.10 -15.45 10.45
N9A FDA D . 24.07 -16.08 11.39
C8A FDA D . 24.41 -17.38 11.44
N7A FDA D . 25.30 -17.56 12.44
C5A FDA D . 25.52 -16.36 13.01
C6A FDA D . 26.32 -15.92 14.05
N6A FDA D . 27.11 -16.79 14.73
N1A FDA D . 26.31 -14.61 14.40
C2A FDA D . 25.53 -13.74 13.74
N3A FDA D . 24.76 -14.12 12.73
C4A FDA D . 24.73 -15.43 12.34
N1 FDA D . 22.24 -12.97 1.30
C2 FDA D . 22.99 -11.89 1.06
O2 FDA D . 23.87 -11.58 1.89
N3 FDA D . 22.80 -11.11 -0.03
C4 FDA D . 21.87 -11.42 -0.94
O4 FDA D . 21.71 -10.70 -1.95
C4X FDA D . 21.04 -12.63 -0.71
N5 FDA D . 20.28 -13.21 -1.68
C5X FDA D . 19.17 -13.86 -1.24
C6 FDA D . 17.95 -13.79 -1.91
C7 FDA D . 16.81 -14.39 -1.36
C7M FDA D . 15.48 -14.32 -2.08
C8 FDA D . 16.90 -15.05 -0.14
C8M FDA D . 15.67 -15.72 0.45
C9 FDA D . 18.12 -15.12 0.53
C9A FDA D . 19.25 -14.53 -0.01
N10 FDA D . 20.41 -14.42 0.76
C10 FDA D . 21.29 -13.36 0.44
C1' FDA D . 20.74 -15.40 1.80
C2' FDA D . 20.35 -14.89 3.20
O2' FDA D . 21.15 -13.75 3.53
C3' FDA D . 20.49 -15.95 4.30
O3' FDA D . 21.83 -16.50 4.30
C4' FDA D . 19.49 -17.09 4.10
O4' FDA D . 18.25 -16.55 3.63
C5' FDA D . 19.24 -17.90 5.38
O5' FDA D . 18.66 -17.14 6.44
P FDA D . 17.27 -17.59 7.13
O1P FDA D . 16.68 -16.39 7.84
O2P FDA D . 16.44 -18.32 6.11
O3P FDA D . 17.66 -18.72 8.21
#